data_4RM2
#
_entry.id   4RM2
#
_cell.length_a   58.885
_cell.length_b   95.749
_cell.length_c   98.605
_cell.angle_alpha   90.00
_cell.angle_beta   110.43
_cell.angle_gamma   90.00
#
_symmetry.space_group_name_H-M   'P 1 21 1'
#
loop_
_entity.id
_entity.type
_entity.pdbx_description
1 polymer 'Benzoate-coenzyme A ligase'
2 non-polymer '2-fluorobenzoic acid'
3 water water
#
_entity_poly.entity_id   1
_entity_poly.type   'polypeptide(L)'
_entity_poly.pdbx_seq_one_letter_code
;VTPPPEKFNFAEHLLQTNRVRPDKTAFVDDISSLSFAQLEAQTRQLAAALRAIGVKREERVLLLMLDGTDWPVAFLGAIY
AGIVPVAVNTLLTADDYAYMLEHSRAQAVLVSGALHPVLKAALTKSDHEVQRVIVSRPAAPLEPGEVDFAEFVGAHAPLE
KPAATQADDPAFWLYSSGSTGRPKGVVHTHANPYWTSELYGRNTLHLREDDVCFSAAKLFFAYGLGNALTFPMTVGATTL
LMGERPTPDAVFKRWLGGVGGVKPTVFYGAPTGYAGMLAAPNLPSRDQVALRLASSAGEALPAEIGQRFQRHFGLDIVDG
IGSTEMLHIFLSNLPDRVRYGTTGWPVPGYQIELRGDGGGPVADGEPGDLYIHGPSSATMYWGNRAKSRDTFQGGWTKSG
DKYVRNDDGSYTYAGRTDDMLKVSGIYVSPFEIEATLVQHPGVLEAAVVGVADEHGLTKPKAYVVPRPGQTLSETELKTF
IKDRLAPYKYPRSTVFVAELPKTATGKIQRFKLREGVLG
;
_entity_poly.pdbx_strand_id   A,B
#
loop_
_chem_comp.id
_chem_comp.type
_chem_comp.name
_chem_comp.formula
3U4 non-polymer '2-fluorobenzoic acid' 'C7 H5 F O2'
#
# COMPACT_ATOMS: atom_id res chain seq x y z
N VAL A 1 -34.74 -5.14 28.11
CA VAL A 1 -34.52 -5.80 26.80
C VAL A 1 -34.14 -7.24 26.97
N THR A 2 -34.89 -8.09 26.31
CA THR A 2 -34.66 -9.53 26.42
CA THR A 2 -34.67 -9.54 26.43
C THR A 2 -33.40 -9.95 25.61
N PRO A 3 -32.52 -10.77 26.21
CA PRO A 3 -31.34 -11.13 25.41
C PRO A 3 -31.73 -11.97 24.21
N PRO A 4 -30.92 -11.92 23.11
CA PRO A 4 -31.29 -12.76 21.98
C PRO A 4 -31.09 -14.22 22.41
N PRO A 5 -31.75 -15.16 21.76
CA PRO A 5 -31.49 -16.57 22.09
C PRO A 5 -30.07 -16.98 21.67
N GLU A 6 -29.55 -18.07 22.24
CA GLU A 6 -28.13 -18.38 21.90
C GLU A 6 -27.96 -18.87 20.48
N LYS A 7 -28.98 -19.45 19.94
CA LYS A 7 -29.04 -19.70 18.54
C LYS A 7 -29.77 -18.52 17.88
N PHE A 8 -29.01 -17.87 17.01
CA PHE A 8 -29.44 -16.55 16.51
C PHE A 8 -28.67 -16.21 15.26
N ASN A 9 -29.43 -15.83 14.22
CA ASN A 9 -28.83 -15.27 13.02
C ASN A 9 -29.47 -13.93 12.85
N PHE A 10 -28.64 -12.89 12.86
CA PHE A 10 -29.14 -11.54 12.87
C PHE A 10 -29.90 -11.21 11.62
N ALA A 11 -29.47 -11.76 10.46
CA ALA A 11 -30.22 -11.50 9.25
C ALA A 11 -31.63 -12.10 9.26
N GLU A 12 -31.70 -13.35 9.68
CA GLU A 12 -33.00 -14.03 9.80
C GLU A 12 -33.88 -13.21 10.78
N HIS A 13 -33.25 -12.71 11.84
CA HIS A 13 -33.96 -11.84 12.81
C HIS A 13 -34.62 -10.64 12.22
N LEU A 14 -33.88 -9.90 11.42
CA LEU A 14 -34.45 -8.80 10.70
C LEU A 14 -35.44 -9.15 9.61
N LEU A 15 -35.26 -10.26 8.90
CA LEU A 15 -36.28 -10.70 7.95
C LEU A 15 -37.57 -11.08 8.66
N GLN A 16 -37.44 -11.83 9.73
CA GLN A 16 -38.61 -12.34 10.45
C GLN A 16 -39.48 -11.20 11.01
N THR A 17 -38.81 -10.21 11.59
CA THR A 17 -39.44 -9.05 12.12
C THR A 17 -40.38 -8.34 11.18
N ASN A 18 -40.04 -8.36 9.90
CA ASN A 18 -40.75 -7.61 8.89
C ASN A 18 -41.67 -8.43 8.01
N ARG A 19 -41.84 -9.68 8.41
CA ARG A 19 -42.79 -10.50 7.68
C ARG A 19 -44.21 -9.99 7.86
N VAL A 20 -44.47 -9.25 8.93
CA VAL A 20 -45.76 -8.55 9.04
C VAL A 20 -46.05 -7.43 8.03
N ARG A 21 -45.07 -6.97 7.32
CA ARG A 21 -45.23 -5.79 6.44
C ARG A 21 -44.53 -6.01 5.11
N PRO A 22 -44.88 -7.08 4.37
CA PRO A 22 -44.19 -7.42 3.14
C PRO A 22 -44.19 -6.36 2.09
N ASP A 23 -45.23 -5.54 2.04
CA ASP A 23 -45.36 -4.60 0.97
C ASP A 23 -44.90 -3.17 1.28
N LYS A 24 -44.45 -2.94 2.51
CA LYS A 24 -43.94 -1.62 2.86
C LYS A 24 -42.57 -1.47 2.25
N THR A 25 -42.21 -0.24 1.89
CA THR A 25 -40.90 0.02 1.39
C THR A 25 -39.82 -0.15 2.46
N ALA A 26 -38.84 -0.96 2.20
CA ALA A 26 -37.72 -1.12 3.14
C ALA A 26 -36.65 -0.12 2.82
N PHE A 27 -36.18 -0.13 1.58
CA PHE A 27 -35.10 0.74 1.11
C PHE A 27 -35.46 1.37 -0.25
N VAL A 28 -35.09 2.62 -0.42
CA VAL A 28 -35.30 3.32 -1.65
C VAL A 28 -34.08 4.23 -1.88
N ASP A 29 -33.64 4.26 -3.12
CA ASP A 29 -32.55 5.16 -3.54
C ASP A 29 -32.96 5.88 -4.85
N ASP A 30 -32.03 6.59 -5.52
CA ASP A 30 -32.45 7.44 -6.67
C ASP A 30 -33.09 6.63 -7.80
N ILE A 31 -32.77 5.36 -7.91
CA ILE A 31 -33.16 4.56 -9.08
C ILE A 31 -33.89 3.25 -8.78
N SER A 32 -34.08 2.89 -7.52
CA SER A 32 -34.64 1.57 -7.22
C SER A 32 -35.30 1.59 -5.86
N SER A 33 -36.06 0.57 -5.59
CA SER A 33 -36.66 0.40 -4.27
C SER A 33 -36.93 -1.07 -4.02
N LEU A 34 -36.88 -1.46 -2.77
CA LEU A 34 -37.20 -2.80 -2.35
C LEU A 34 -38.23 -2.69 -1.26
N SER A 35 -39.36 -3.40 -1.37
CA SER A 35 -40.21 -3.75 -0.26
C SER A 35 -39.56 -4.76 0.72
N PHE A 36 -40.11 -4.90 1.91
CA PHE A 36 -39.55 -5.85 2.84
C PHE A 36 -39.52 -7.27 2.20
N ALA A 37 -40.55 -7.57 1.45
CA ALA A 37 -40.65 -8.87 0.79
C ALA A 37 -39.58 -9.03 -0.30
N GLN A 38 -39.44 -8.03 -1.13
CA GLN A 38 -38.43 -8.02 -2.20
C GLN A 38 -37.00 -8.14 -1.61
N LEU A 39 -36.76 -7.43 -0.49
CA LEU A 39 -35.53 -7.49 0.24
C LEU A 39 -35.25 -8.90 0.76
N GLU A 40 -36.27 -9.52 1.34
CA GLU A 40 -36.09 -10.87 1.80
C GLU A 40 -35.74 -11.80 0.68
N ALA A 41 -36.47 -11.73 -0.43
CA ALA A 41 -36.19 -12.61 -1.55
C ALA A 41 -34.76 -12.43 -2.01
N GLN A 42 -34.39 -11.18 -2.24
CA GLN A 42 -33.07 -10.89 -2.81
C GLN A 42 -31.96 -11.22 -1.83
N THR A 43 -32.18 -10.98 -0.52
CA THR A 43 -31.25 -11.41 0.54
C THR A 43 -30.94 -12.93 0.54
N ARG A 44 -32.01 -13.73 0.45
CA ARG A 44 -31.85 -15.18 0.39
C ARG A 44 -31.28 -15.72 -0.93
N GLN A 45 -31.58 -15.09 -2.05
CA GLN A 45 -30.95 -15.49 -3.33
C GLN A 45 -29.47 -15.17 -3.32
N LEU A 46 -29.10 -13.99 -2.81
CA LEU A 46 -27.66 -13.68 -2.68
C LEU A 46 -26.95 -14.63 -1.73
N ALA A 47 -27.58 -15.01 -0.63
CA ALA A 47 -26.98 -15.99 0.24
C ALA A 47 -26.69 -17.28 -0.55
N ALA A 48 -27.67 -17.71 -1.38
CA ALA A 48 -27.52 -18.96 -2.17
C ALA A 48 -26.44 -18.81 -3.18
N ALA A 49 -26.40 -17.63 -3.79
CA ALA A 49 -25.39 -17.29 -4.79
C ALA A 49 -23.96 -17.39 -4.24
N LEU A 50 -23.73 -16.81 -3.06
CA LEU A 50 -22.43 -16.90 -2.42
C LEU A 50 -22.08 -18.33 -2.10
N ARG A 51 -23.03 -19.10 -1.62
CA ARG A 51 -22.74 -20.48 -1.31
C ARG A 51 -22.40 -21.29 -2.56
N ALA A 52 -23.07 -20.97 -3.67
CA ALA A 52 -22.93 -21.72 -4.89
C ALA A 52 -21.57 -21.46 -5.49
N ILE A 53 -20.95 -20.30 -5.22
CA ILE A 53 -19.59 -20.12 -5.69
C ILE A 53 -18.52 -20.64 -4.75
N GLY A 54 -18.91 -21.33 -3.65
CA GLY A 54 -17.99 -22.04 -2.80
C GLY A 54 -17.57 -21.28 -1.57
N VAL A 55 -18.16 -20.12 -1.31
CA VAL A 55 -17.84 -19.43 -0.05
C VAL A 55 -18.54 -20.18 1.08
N LYS A 56 -17.80 -20.48 2.13
CA LYS A 56 -18.31 -21.26 3.21
C LYS A 56 -18.62 -20.42 4.43
N ARG A 57 -19.33 -21.05 5.36
CA ARG A 57 -19.51 -20.50 6.65
C ARG A 57 -18.23 -20.05 7.31
N GLU A 58 -18.30 -18.86 7.89
CA GLU A 58 -17.25 -18.15 8.62
C GLU A 58 -16.20 -17.46 7.73
N GLU A 59 -16.17 -17.76 6.44
CA GLU A 59 -15.26 -17.09 5.53
C GLU A 59 -15.71 -15.66 5.34
N ARG A 60 -14.80 -14.78 4.97
CA ARG A 60 -15.11 -13.37 4.81
C ARG A 60 -15.39 -13.05 3.33
N VAL A 61 -16.18 -12.01 3.07
CA VAL A 61 -16.31 -11.39 1.79
C VAL A 61 -16.13 -9.89 2.00
N LEU A 62 -15.55 -9.18 1.03
CA LEU A 62 -15.39 -7.76 1.10
C LEU A 62 -16.60 -7.06 0.49
N LEU A 63 -17.18 -6.13 1.23
CA LEU A 63 -18.36 -5.40 0.79
C LEU A 63 -17.89 -3.91 0.67
N LEU A 64 -17.61 -3.52 -0.58
CA LEU A 64 -17.08 -2.22 -0.92
C LEU A 64 -18.12 -1.54 -1.83
N MET A 65 -19.14 -0.93 -1.24
CA MET A 65 -20.28 -0.47 -2.04
C MET A 65 -20.79 0.87 -1.60
N LEU A 66 -21.15 1.69 -2.54
CA LEU A 66 -21.94 2.91 -2.22
C LEU A 66 -23.34 2.61 -1.64
N ASP A 67 -23.87 3.53 -0.84
CA ASP A 67 -25.20 3.38 -0.29
C ASP A 67 -26.17 3.31 -1.44
N GLY A 68 -27.00 2.29 -1.40
CA GLY A 68 -27.98 1.98 -2.41
C GLY A 68 -28.74 0.75 -1.96
N THR A 69 -29.84 0.40 -2.66
CA THR A 69 -30.60 -0.77 -2.28
C THR A 69 -29.85 -2.11 -2.33
N ASP A 70 -28.79 -2.24 -3.14
CA ASP A 70 -28.04 -3.46 -3.18
C ASP A 70 -27.22 -3.65 -1.92
N TRP A 71 -26.92 -2.56 -1.20
CA TRP A 71 -26.03 -2.65 0.00
C TRP A 71 -26.63 -3.57 1.06
N PRO A 72 -27.90 -3.33 1.52
CA PRO A 72 -28.43 -4.22 2.56
C PRO A 72 -28.66 -5.65 2.05
N VAL A 73 -28.92 -5.83 0.77
CA VAL A 73 -28.98 -7.22 0.23
C VAL A 73 -27.60 -7.99 0.32
N ALA A 74 -26.53 -7.28 -0.01
CA ALA A 74 -25.17 -7.84 0.09
C ALA A 74 -24.84 -8.16 1.59
N PHE A 75 -25.13 -7.20 2.46
CA PHE A 75 -24.79 -7.33 3.88
C PHE A 75 -25.62 -8.45 4.57
N LEU A 76 -26.96 -8.35 4.40
CA LEU A 76 -27.82 -9.35 5.02
C LEU A 76 -27.72 -10.72 4.34
N GLY A 77 -27.44 -10.75 3.02
CA GLY A 77 -27.35 -12.02 2.28
C GLY A 77 -26.15 -12.81 2.74
N ALA A 78 -25.02 -12.14 2.95
CA ALA A 78 -23.86 -12.80 3.49
C ALA A 78 -24.18 -13.34 4.91
N ILE A 79 -24.72 -12.50 5.76
CA ILE A 79 -25.01 -12.89 7.15
C ILE A 79 -26.00 -14.08 7.21
N TYR A 80 -26.96 -14.06 6.33
CA TYR A 80 -28.01 -15.13 6.29
C TYR A 80 -27.37 -16.45 5.95
N ALA A 81 -26.38 -16.38 5.09
CA ALA A 81 -25.54 -17.57 4.81
C ALA A 81 -24.49 -17.96 5.82
N GLY A 82 -24.24 -17.17 6.85
CA GLY A 82 -23.19 -17.45 7.84
C GLY A 82 -21.80 -17.08 7.30
N ILE A 83 -21.80 -16.28 6.25
CA ILE A 83 -20.58 -15.67 5.66
C ILE A 83 -20.44 -14.31 6.27
N VAL A 84 -19.21 -13.88 6.51
CA VAL A 84 -18.92 -12.69 7.28
C VAL A 84 -18.56 -11.49 6.34
N PRO A 85 -19.50 -10.55 6.17
CA PRO A 85 -19.15 -9.42 5.28
C PRO A 85 -18.25 -8.45 6.02
N VAL A 86 -17.29 -7.90 5.29
CA VAL A 86 -16.33 -6.96 5.83
C VAL A 86 -16.70 -5.65 5.14
N ALA A 87 -17.38 -4.77 5.89
CA ALA A 87 -18.01 -3.58 5.34
C ALA A 87 -17.08 -2.37 5.42
N VAL A 88 -16.63 -1.87 4.27
CA VAL A 88 -15.54 -0.91 4.28
C VAL A 88 -15.87 0.45 3.65
N ASN A 89 -15.10 1.43 4.11
CA ASN A 89 -15.12 2.81 3.64
C ASN A 89 -14.81 2.85 2.13
N THR A 90 -15.60 3.60 1.36
CA THR A 90 -15.55 3.60 -0.04
C THR A 90 -14.59 4.71 -0.54
N LEU A 91 -13.89 5.40 0.36
CA LEU A 91 -13.03 6.54 0.00
C LEU A 91 -11.51 6.22 0.18
N LEU A 92 -11.11 4.96 0.28
CA LEU A 92 -9.72 4.60 0.67
C LEU A 92 -8.97 4.32 -0.61
N THR A 93 -7.67 4.03 -0.46
CA THR A 93 -6.79 3.79 -1.63
C THR A 93 -6.76 2.33 -2.00
N ALA A 94 -6.21 2.03 -3.17
CA ALA A 94 -5.99 0.69 -3.58
C ALA A 94 -5.08 -0.06 -2.57
N ASP A 95 -4.07 0.60 -2.06
CA ASP A 95 -3.24 -0.09 -1.07
C ASP A 95 -4.01 -0.49 0.19
N ASP A 96 -4.88 0.40 0.65
CA ASP A 96 -5.71 0.10 1.83
C ASP A 96 -6.54 -1.16 1.59
N TYR A 97 -7.21 -1.19 0.45
CA TYR A 97 -8.02 -2.36 0.07
C TYR A 97 -7.20 -3.60 -0.13
N ALA A 98 -5.97 -3.48 -0.64
CA ALA A 98 -5.07 -4.67 -0.86
C ALA A 98 -4.81 -5.28 0.52
N TYR A 99 -4.50 -4.40 1.49
CA TYR A 99 -4.26 -4.86 2.85
C TYR A 99 -5.49 -5.57 3.40
N MET A 100 -6.67 -4.93 3.21
CA MET A 100 -7.90 -5.56 3.70
C MET A 100 -8.16 -6.89 3.05
N LEU A 101 -7.88 -7.00 1.76
CA LEU A 101 -8.08 -8.31 1.12
C LEU A 101 -7.20 -9.41 1.71
N GLU A 102 -5.96 -9.08 1.97
CA GLU A 102 -5.04 -10.04 2.50
C GLU A 102 -5.37 -10.38 3.95
N HIS A 103 -5.63 -9.35 4.74
CA HIS A 103 -5.85 -9.48 6.16
C HIS A 103 -7.15 -10.26 6.45
N SER A 104 -8.23 -9.96 5.70
CA SER A 104 -9.53 -10.61 5.88
C SER A 104 -9.59 -12.05 5.25
N ARG A 105 -8.64 -12.33 4.33
CA ARG A 105 -8.68 -13.48 3.41
C ARG A 105 -10.02 -13.57 2.76
N ALA A 106 -10.48 -12.42 2.24
CA ALA A 106 -11.77 -12.37 1.59
C ALA A 106 -11.83 -13.34 0.41
N GLN A 107 -12.95 -14.07 0.34
CA GLN A 107 -13.17 -15.05 -0.70
C GLN A 107 -13.93 -14.56 -1.89
N ALA A 108 -14.55 -13.41 -1.76
CA ALA A 108 -15.28 -12.74 -2.85
C ALA A 108 -15.38 -11.27 -2.50
N VAL A 109 -15.69 -10.45 -3.52
CA VAL A 109 -15.83 -9.07 -3.35
C VAL A 109 -17.12 -8.64 -4.00
N LEU A 110 -17.91 -7.86 -3.27
CA LEU A 110 -19.14 -7.24 -3.74
C LEU A 110 -18.85 -5.78 -3.83
N VAL A 111 -18.82 -5.24 -5.05
CA VAL A 111 -18.29 -3.93 -5.27
C VAL A 111 -19.19 -3.11 -6.21
N SER A 112 -19.36 -1.83 -5.88
CA SER A 112 -20.07 -0.89 -6.74
C SER A 112 -19.23 -0.64 -8.00
N GLY A 113 -19.88 -0.48 -9.15
CA GLY A 113 -19.13 -0.16 -10.38
C GLY A 113 -18.22 1.01 -10.30
N ALA A 114 -18.66 2.08 -9.66
CA ALA A 114 -17.86 3.25 -9.43
C ALA A 114 -16.52 2.94 -8.70
N LEU A 115 -16.53 1.93 -7.88
CA LEU A 115 -15.35 1.52 -7.09
C LEU A 115 -14.57 0.39 -7.72
N HIS A 116 -14.95 -0.06 -8.92
CA HIS A 116 -14.26 -1.15 -9.51
C HIS A 116 -12.76 -0.80 -9.85
N PRO A 117 -12.50 0.47 -10.27
CA PRO A 117 -11.06 0.79 -10.62
C PRO A 117 -10.07 0.66 -9.44
N VAL A 118 -10.47 1.18 -8.30
CA VAL A 118 -9.66 1.00 -7.09
C VAL A 118 -9.53 -0.45 -6.65
N LEU A 119 -10.60 -1.21 -6.81
CA LEU A 119 -10.63 -2.59 -6.38
C LEU A 119 -9.75 -3.41 -7.29
N LYS A 120 -9.79 -3.09 -8.58
CA LYS A 120 -8.99 -3.81 -9.57
C LYS A 120 -7.49 -3.64 -9.26
N ALA A 121 -7.08 -2.40 -9.00
CA ALA A 121 -5.75 -2.09 -8.55
C ALA A 121 -5.35 -2.86 -7.28
N ALA A 122 -6.28 -2.98 -6.32
CA ALA A 122 -5.99 -3.72 -5.09
C ALA A 122 -5.80 -5.18 -5.40
N LEU A 123 -6.62 -5.77 -6.29
CA LEU A 123 -6.52 -7.18 -6.61
C LEU A 123 -5.14 -7.44 -7.30
N THR A 124 -4.81 -6.62 -8.27
CA THR A 124 -3.60 -6.81 -9.03
C THR A 124 -2.33 -6.84 -8.13
N LYS A 125 -2.33 -6.02 -7.08
CA LYS A 125 -1.14 -5.82 -6.27
C LYS A 125 -0.97 -6.79 -5.12
N SER A 126 -2.02 -7.51 -4.74
CA SER A 126 -2.01 -8.25 -3.51
C SER A 126 -1.99 -9.76 -3.70
N ASP A 127 -1.68 -10.42 -2.61
CA ASP A 127 -1.71 -11.84 -2.52
C ASP A 127 -3.05 -12.26 -1.94
N HIS A 128 -4.13 -12.04 -2.68
CA HIS A 128 -5.45 -12.23 -2.17
C HIS A 128 -5.95 -13.62 -2.52
N GLU A 129 -7.11 -13.97 -1.96
CA GLU A 129 -7.77 -15.23 -2.19
C GLU A 129 -9.16 -15.07 -2.77
N VAL A 130 -9.39 -13.97 -3.48
CA VAL A 130 -10.72 -13.64 -4.03
C VAL A 130 -11.05 -14.62 -5.21
N GLN A 131 -12.19 -15.31 -5.12
CA GLN A 131 -12.65 -16.25 -6.13
C GLN A 131 -13.56 -15.60 -7.10
N ARG A 132 -14.26 -14.55 -6.70
CA ARG A 132 -15.24 -13.92 -7.58
C ARG A 132 -15.43 -12.49 -7.19
N VAL A 133 -15.56 -11.68 -8.23
CA VAL A 133 -15.92 -10.26 -8.11
C VAL A 133 -17.33 -10.08 -8.71
N ILE A 134 -18.18 -9.50 -7.89
CA ILE A 134 -19.59 -9.27 -8.15
C ILE A 134 -19.79 -7.79 -8.14
N VAL A 135 -20.18 -7.27 -9.28
CA VAL A 135 -20.21 -5.87 -9.50
C VAL A 135 -21.62 -5.37 -9.48
N SER A 136 -21.95 -4.49 -8.50
CA SER A 136 -23.22 -3.76 -8.47
C SER A 136 -23.16 -2.47 -9.27
N ARG A 137 -24.08 -2.35 -10.25
CA ARG A 137 -24.16 -1.21 -11.14
C ARG A 137 -22.83 -0.99 -11.84
N PRO A 138 -22.43 -1.93 -12.69
CA PRO A 138 -21.13 -1.73 -13.32
C PRO A 138 -21.08 -0.47 -14.14
N ALA A 139 -19.92 0.18 -14.18
CA ALA A 139 -19.74 1.43 -14.85
C ALA A 139 -18.75 1.25 -16.03
N ALA A 140 -18.22 0.06 -16.19
CA ALA A 140 -17.32 -0.30 -17.30
C ALA A 140 -17.56 -1.73 -17.62
N PRO A 141 -17.13 -2.19 -18.81
CA PRO A 141 -17.37 -3.56 -19.14
C PRO A 141 -16.86 -4.55 -18.10
N LEU A 142 -17.64 -5.60 -17.87
CA LEU A 142 -17.18 -6.64 -16.96
C LEU A 142 -15.94 -7.34 -17.54
N GLU A 143 -14.97 -7.65 -16.68
CA GLU A 143 -13.78 -8.43 -17.07
C GLU A 143 -14.16 -9.87 -16.97
N PRO A 144 -13.44 -10.77 -17.68
CA PRO A 144 -13.69 -12.19 -17.63
C PRO A 144 -13.81 -12.76 -16.22
N GLY A 145 -14.87 -13.53 -16.02
CA GLY A 145 -15.20 -14.11 -14.76
C GLY A 145 -15.97 -13.22 -13.77
N GLU A 146 -16.02 -11.90 -13.98
CA GLU A 146 -16.79 -11.02 -13.09
C GLU A 146 -18.27 -11.21 -13.41
N VAL A 147 -19.13 -10.95 -12.45
CA VAL A 147 -20.54 -11.11 -12.70
C VAL A 147 -21.25 -9.86 -12.19
N ASP A 148 -22.32 -9.47 -12.87
CA ASP A 148 -23.17 -8.37 -12.48
C ASP A 148 -24.01 -8.80 -11.25
N PHE A 149 -24.08 -7.96 -10.23
CA PHE A 149 -24.83 -8.28 -8.99
C PHE A 149 -26.26 -8.70 -9.28
N ALA A 150 -26.97 -7.97 -10.14
CA ALA A 150 -28.40 -8.32 -10.40
C ALA A 150 -28.49 -9.70 -11.01
N GLU A 151 -27.55 -10.03 -11.91
CA GLU A 151 -27.57 -11.38 -12.53
C GLU A 151 -27.21 -12.45 -11.56
N PHE A 152 -26.22 -12.20 -10.69
CA PHE A 152 -25.82 -13.16 -9.67
C PHE A 152 -26.97 -13.51 -8.69
N VAL A 153 -27.65 -12.48 -8.23
CA VAL A 153 -28.79 -12.65 -7.36
C VAL A 153 -29.91 -13.34 -8.17
N GLY A 154 -30.19 -12.86 -9.38
CA GLY A 154 -31.30 -13.39 -10.16
C GLY A 154 -31.09 -14.83 -10.66
N ALA A 155 -29.85 -15.27 -10.69
CA ALA A 155 -29.51 -16.59 -11.18
C ALA A 155 -29.64 -17.70 -10.19
N HIS A 156 -29.95 -17.40 -8.94
CA HIS A 156 -29.93 -18.38 -7.88
C HIS A 156 -31.25 -18.33 -7.10
N ALA A 157 -31.74 -19.54 -6.84
CA ALA A 157 -32.92 -19.77 -6.01
C ALA A 157 -32.62 -19.39 -4.58
N PRO A 158 -33.63 -18.85 -3.85
CA PRO A 158 -33.36 -18.45 -2.43
C PRO A 158 -33.00 -19.58 -1.53
N LEU A 159 -32.04 -19.35 -0.64
CA LEU A 159 -31.69 -20.33 0.31
C LEU A 159 -32.91 -20.52 1.18
N GLU A 160 -33.12 -21.76 1.58
CA GLU A 160 -34.31 -22.12 2.34
C GLU A 160 -34.27 -21.82 3.78
N LYS A 161 -33.09 -21.85 4.41
CA LYS A 161 -32.96 -21.60 5.83
C LYS A 161 -31.65 -20.81 6.02
N PRO A 162 -31.53 -20.01 7.09
CA PRO A 162 -30.24 -19.36 7.37
C PRO A 162 -29.22 -20.34 7.95
N ALA A 163 -27.96 -20.01 7.91
CA ALA A 163 -26.96 -20.72 8.69
C ALA A 163 -27.30 -20.76 10.16
N ALA A 164 -27.05 -21.91 10.79
CA ALA A 164 -27.37 -22.08 12.20
C ALA A 164 -26.35 -21.50 13.14
N THR A 165 -26.21 -20.18 13.11
CA THR A 165 -25.18 -19.51 13.88
C THR A 165 -25.62 -19.31 15.33
N GLN A 166 -24.66 -19.03 16.18
CA GLN A 166 -24.91 -18.63 17.50
C GLN A 166 -24.84 -17.09 17.62
N ALA A 167 -25.56 -16.56 18.60
CA ALA A 167 -25.49 -15.11 18.95
C ALA A 167 -24.15 -14.56 19.10
N ASP A 168 -23.26 -15.32 19.71
CA ASP A 168 -21.86 -14.87 19.88
C ASP A 168 -20.87 -15.29 18.82
N ASP A 169 -21.34 -15.77 17.70
CA ASP A 169 -20.51 -16.00 16.57
C ASP A 169 -20.24 -14.68 15.83
N PRO A 170 -19.05 -14.55 15.28
CA PRO A 170 -18.77 -13.41 14.35
C PRO A 170 -19.81 -13.37 13.29
N ALA A 171 -20.36 -12.16 13.05
CA ALA A 171 -21.31 -11.89 11.98
C ALA A 171 -20.76 -10.96 10.85
N PHE A 172 -20.02 -9.92 11.24
CA PHE A 172 -19.44 -8.97 10.28
C PHE A 172 -18.24 -8.27 10.85
N TRP A 173 -17.38 -7.71 10.00
CA TRP A 173 -16.34 -6.86 10.45
C TRP A 173 -16.49 -5.42 9.94
N LEU A 174 -15.93 -4.51 10.71
CA LEU A 174 -15.67 -3.15 10.23
C LEU A 174 -14.19 -2.95 10.44
N TYR A 175 -13.59 -1.98 9.74
CA TYR A 175 -12.20 -1.65 9.98
C TYR A 175 -12.07 -0.32 10.68
N SER A 176 -11.12 -0.18 11.60
CA SER A 176 -10.91 1.10 12.25
C SER A 176 -9.40 1.34 12.32
N SER A 177 -8.93 2.57 12.03
CA SER A 177 -7.47 2.79 12.12
C SER A 177 -7.07 3.63 13.30
N GLY A 178 -5.87 3.39 13.75
CA GLY A 178 -5.23 4.26 14.75
C GLY A 178 -4.32 5.29 14.16
N SER A 179 -3.51 5.90 14.99
CA SER A 179 -2.73 7.02 14.49
C SER A 179 -1.54 6.56 13.68
N THR A 180 -1.15 5.31 13.88
CA THR A 180 -0.17 4.64 13.04
C THR A 180 -0.66 3.24 12.74
N GLY A 181 0.01 2.58 11.81
CA GLY A 181 -0.31 1.17 11.57
C GLY A 181 -1.50 0.92 10.66
N ARG A 182 -1.68 -0.33 10.34
CA ARG A 182 -2.73 -0.77 9.41
C ARG A 182 -4.10 -0.71 10.13
N PRO A 183 -5.18 -0.58 9.35
CA PRO A 183 -6.54 -0.70 9.95
C PRO A 183 -6.74 -2.00 10.67
N LYS A 184 -7.46 -1.95 11.77
CA LYS A 184 -7.75 -3.07 12.59
C LYS A 184 -9.14 -3.60 12.27
N GLY A 185 -9.24 -4.92 12.16
CA GLY A 185 -10.44 -5.62 11.84
C GLY A 185 -11.26 -5.80 13.12
N VAL A 186 -12.27 -4.98 13.27
CA VAL A 186 -13.15 -5.06 14.44
C VAL A 186 -14.23 -6.11 14.18
N VAL A 187 -14.26 -7.13 15.02
CA VAL A 187 -15.16 -8.28 14.80
C VAL A 187 -16.43 -8.16 15.65
N HIS A 188 -17.57 -8.10 14.99
CA HIS A 188 -18.83 -8.01 15.65
C HIS A 188 -19.62 -9.28 15.47
N THR A 189 -20.37 -9.57 16.54
CA THR A 189 -21.21 -10.75 16.58
C THR A 189 -22.61 -10.55 16.08
N HIS A 190 -23.37 -11.66 15.93
CA HIS A 190 -24.77 -11.57 15.59
C HIS A 190 -25.57 -10.79 16.63
N ALA A 191 -25.26 -10.94 17.90
CA ALA A 191 -26.01 -10.26 18.98
C ALA A 191 -25.76 -8.73 19.03
N ASN A 192 -24.57 -8.32 18.65
CA ASN A 192 -24.17 -6.95 18.87
C ASN A 192 -25.14 -5.92 18.20
N PRO A 193 -25.51 -6.10 16.91
CA PRO A 193 -26.49 -5.13 16.28
C PRO A 193 -27.91 -5.32 16.82
N TYR A 194 -28.20 -6.49 17.39
CA TYR A 194 -29.48 -6.55 18.16
C TYR A 194 -29.48 -5.63 19.35
N TRP A 195 -28.42 -5.66 20.14
CA TRP A 195 -28.36 -4.83 21.29
C TRP A 195 -28.37 -3.34 20.98
N THR A 196 -27.62 -2.92 19.97
CA THR A 196 -27.58 -1.50 19.63
C THR A 196 -28.97 -1.08 19.10
N SER A 197 -29.59 -1.90 18.29
CA SER A 197 -30.89 -1.55 17.71
C SER A 197 -32.01 -1.45 18.77
N GLU A 198 -31.95 -2.31 19.76
CA GLU A 198 -32.92 -2.30 20.85
C GLU A 198 -32.61 -1.20 21.89
N LEU A 199 -31.38 -1.13 22.41
CA LEU A 199 -31.04 -0.18 23.48
C LEU A 199 -31.02 1.29 22.98
N TYR A 200 -30.62 1.51 21.73
CA TYR A 200 -30.46 2.85 21.17
C TYR A 200 -31.53 3.14 20.17
N GLY A 201 -31.54 2.42 19.08
CA GLY A 201 -32.58 2.69 18.03
C GLY A 201 -34.02 2.73 18.61
N ARG A 202 -34.40 1.64 19.31
CA ARG A 202 -35.77 1.57 19.80
C ARG A 202 -35.93 2.33 21.10
N ASN A 203 -35.15 2.00 22.11
CA ASN A 203 -35.37 2.49 23.45
C ASN A 203 -34.88 3.91 23.79
N THR A 204 -33.97 4.45 22.97
CA THR A 204 -33.49 5.78 23.17
C THR A 204 -34.14 6.76 22.15
N LEU A 205 -34.01 6.45 20.85
CA LEU A 205 -34.53 7.30 19.80
C LEU A 205 -36.04 7.17 19.61
N HIS A 206 -36.60 6.03 20.02
CA HIS A 206 -38.02 5.66 19.83
C HIS A 206 -38.38 5.69 18.34
N LEU A 207 -37.48 5.17 17.51
CA LEU A 207 -37.84 4.90 16.12
C LEU A 207 -39.08 4.04 16.01
N ARG A 208 -39.86 4.25 14.97
CA ARG A 208 -41.06 3.49 14.78
C ARG A 208 -41.35 3.23 13.35
N GLU A 209 -42.37 2.38 13.15
CA GLU A 209 -42.70 1.92 11.81
C GLU A 209 -42.94 2.98 10.81
N ASP A 210 -43.64 4.05 11.18
CA ASP A 210 -43.94 5.09 10.19
C ASP A 210 -42.84 6.05 9.89
N ASP A 211 -41.69 5.85 10.50
CA ASP A 211 -40.60 6.73 10.25
C ASP A 211 -40.02 6.51 8.85
N VAL A 212 -39.41 7.57 8.31
CA VAL A 212 -38.56 7.47 7.15
C VAL A 212 -37.15 7.96 7.57
N CYS A 213 -36.19 7.05 7.56
CA CYS A 213 -34.84 7.31 8.05
C CYS A 213 -33.91 7.70 6.92
N PHE A 214 -33.05 8.69 7.16
CA PHE A 214 -32.08 9.15 6.14
C PHE A 214 -30.82 9.58 6.81
N SER A 215 -29.72 8.89 6.54
CA SER A 215 -28.44 9.11 7.21
C SER A 215 -27.41 9.62 6.22
N ALA A 216 -26.88 10.78 6.53
CA ALA A 216 -25.80 11.34 5.71
C ALA A 216 -24.58 10.46 5.91
N ALA A 217 -24.45 9.89 7.11
CA ALA A 217 -23.44 8.89 7.42
C ALA A 217 -23.72 7.62 6.67
N LYS A 218 -22.76 7.20 5.82
CA LYS A 218 -22.91 6.00 4.97
C LYS A 218 -22.97 4.70 5.79
N LEU A 219 -23.50 3.68 5.13
CA LEU A 219 -23.73 2.37 5.71
C LEU A 219 -22.45 1.68 6.24
N PHE A 220 -21.30 1.95 5.68
CA PHE A 220 -20.08 1.36 6.17
C PHE A 220 -19.61 1.90 7.51
N PHE A 221 -20.02 3.10 7.86
CA PHE A 221 -19.77 3.64 9.16
C PHE A 221 -20.63 2.89 10.17
N ALA A 222 -20.05 2.49 11.29
CA ALA A 222 -20.90 1.93 12.35
C ALA A 222 -22.12 2.80 12.60
N TYR A 223 -21.91 4.12 12.71
CA TYR A 223 -23.03 5.05 13.00
C TYR A 223 -24.11 4.84 11.94
N GLY A 224 -23.74 4.90 10.66
CA GLY A 224 -24.70 4.74 9.55
C GLY A 224 -25.33 3.37 9.39
N LEU A 225 -24.60 2.35 9.69
CA LEU A 225 -25.12 0.96 9.65
C LEU A 225 -26.30 0.78 10.61
N GLY A 226 -26.22 1.38 11.79
CA GLY A 226 -27.30 1.40 12.73
C GLY A 226 -28.42 2.31 12.20
N ASN A 227 -28.07 3.56 11.87
CA ASN A 227 -29.06 4.56 11.48
C ASN A 227 -29.96 4.10 10.35
N ALA A 228 -29.37 3.53 9.31
CA ALA A 228 -29.98 3.38 8.03
C ALA A 228 -30.08 1.89 7.65
N LEU A 229 -29.87 0.98 8.58
CA LEU A 229 -30.13 -0.43 8.31
C LEU A 229 -30.61 -1.15 9.55
N THR A 230 -29.78 -1.31 10.58
CA THR A 230 -30.25 -2.15 11.68
C THR A 230 -31.40 -1.50 12.48
N PHE A 231 -31.29 -0.22 12.79
CA PHE A 231 -32.36 0.44 13.48
C PHE A 231 -33.73 0.39 12.73
N PRO A 232 -33.80 0.94 11.49
CA PRO A 232 -35.07 0.92 10.80
C PRO A 232 -35.63 -0.47 10.57
N MET A 233 -34.78 -1.47 10.27
CA MET A 233 -35.36 -2.79 10.00
CA MET A 233 -35.30 -2.83 10.01
C MET A 233 -35.91 -3.42 11.28
N THR A 234 -35.37 -3.01 12.43
CA THR A 234 -35.79 -3.54 13.72
C THR A 234 -37.22 -3.08 14.02
N VAL A 235 -37.63 -1.89 13.55
CA VAL A 235 -38.99 -1.37 13.81
C VAL A 235 -39.91 -1.26 12.59
N GLY A 236 -39.42 -1.66 11.42
CA GLY A 236 -40.11 -1.60 10.20
C GLY A 236 -40.20 -0.26 9.56
N ALA A 237 -39.34 0.69 9.96
CA ALA A 237 -39.28 1.94 9.23
C ALA A 237 -38.82 1.82 7.79
N THR A 238 -39.14 2.83 6.99
CA THR A 238 -38.65 2.93 5.61
C THR A 238 -37.36 3.74 5.58
N THR A 239 -36.37 3.28 4.82
CA THR A 239 -35.07 3.94 4.77
C THR A 239 -34.78 4.49 3.39
N LEU A 240 -34.36 5.77 3.35
CA LEU A 240 -33.84 6.45 2.12
C LEU A 240 -32.31 6.32 2.09
N LEU A 241 -31.77 5.84 0.98
CA LEU A 241 -30.36 5.74 0.75
C LEU A 241 -29.92 6.60 -0.40
N MET A 242 -28.70 7.15 -0.28
CA MET A 242 -28.16 8.08 -1.26
C MET A 242 -26.72 7.70 -1.58
N GLY A 243 -26.42 7.40 -2.84
CA GLY A 243 -25.06 6.99 -3.23
C GLY A 243 -24.03 8.16 -3.17
N GLU A 244 -24.49 9.34 -3.57
CA GLU A 244 -23.60 10.46 -3.78
C GLU A 244 -23.09 11.03 -2.49
N ARG A 245 -22.05 11.85 -2.59
CA ARG A 245 -21.54 12.59 -1.47
C ARG A 245 -22.57 13.53 -0.84
N PRO A 246 -22.71 13.49 0.49
CA PRO A 246 -23.67 14.42 1.08
C PRO A 246 -23.13 15.88 1.00
N THR A 247 -23.99 16.76 0.59
CA THR A 247 -23.77 18.20 0.57
C THR A 247 -25.08 18.78 1.10
N PRO A 248 -25.11 20.07 1.47
CA PRO A 248 -26.40 20.61 1.81
C PRO A 248 -27.50 20.44 0.78
N ASP A 249 -27.21 20.76 -0.47
CA ASP A 249 -28.21 20.65 -1.49
C ASP A 249 -28.72 19.21 -1.69
N ALA A 250 -27.84 18.21 -1.64
CA ALA A 250 -28.33 16.84 -1.82
C ALA A 250 -29.22 16.44 -0.63
N VAL A 251 -28.84 16.86 0.55
CA VAL A 251 -29.65 16.54 1.74
C VAL A 251 -31.00 17.25 1.67
N PHE A 252 -30.98 18.53 1.31
CA PHE A 252 -32.21 19.28 1.32
C PHE A 252 -33.17 18.70 0.29
N LYS A 253 -32.67 18.29 -0.88
CA LYS A 253 -33.48 17.72 -1.95
C LYS A 253 -34.31 16.55 -1.44
N ARG A 254 -33.67 15.76 -0.60
CA ARG A 254 -34.28 14.58 -0.04
C ARG A 254 -35.23 14.88 1.13
N TRP A 255 -34.80 15.78 2.04
CA TRP A 255 -35.67 16.30 3.09
C TRP A 255 -37.03 16.78 2.50
N LEU A 256 -36.97 17.44 1.36
CA LEU A 256 -38.18 18.02 0.68
C LEU A 256 -38.96 16.98 -0.13
N GLY A 257 -38.53 15.72 -0.11
CA GLY A 257 -39.27 14.63 -0.74
C GLY A 257 -38.97 14.46 -2.21
N GLY A 258 -37.79 14.91 -2.63
CA GLY A 258 -37.35 14.78 -4.00
C GLY A 258 -36.99 13.41 -4.51
N VAL A 259 -36.91 12.42 -3.61
CA VAL A 259 -36.62 11.04 -4.01
C VAL A 259 -37.60 10.07 -3.37
N GLY A 260 -38.02 9.10 -4.17
CA GLY A 260 -38.96 8.06 -3.75
C GLY A 260 -40.30 8.45 -3.20
N GLY A 261 -40.70 9.70 -3.42
CA GLY A 261 -41.96 10.23 -2.94
C GLY A 261 -42.06 10.11 -1.42
N VAL A 262 -40.92 10.14 -0.72
CA VAL A 262 -40.90 10.10 0.76
C VAL A 262 -40.17 11.30 1.30
N LYS A 263 -40.64 11.78 2.42
CA LYS A 263 -39.92 12.81 3.16
C LYS A 263 -39.40 12.22 4.47
N PRO A 264 -38.11 12.30 4.66
CA PRO A 264 -37.57 11.77 5.93
C PRO A 264 -38.16 12.41 7.17
N THR A 265 -38.35 11.56 8.18
CA THR A 265 -38.70 11.99 9.54
C THR A 265 -37.57 11.94 10.51
N VAL A 266 -36.52 11.18 10.20
CA VAL A 266 -35.36 11.06 11.06
C VAL A 266 -34.16 11.26 10.22
N PHE A 267 -33.33 12.21 10.62
CA PHE A 267 -32.08 12.52 9.99
C PHE A 267 -30.94 12.36 10.92
N TYR A 268 -29.83 11.88 10.39
CA TYR A 268 -28.61 11.64 11.11
C TYR A 268 -27.41 12.23 10.31
N GLY A 269 -26.44 12.82 11.00
CA GLY A 269 -25.30 13.30 10.37
C GLY A 269 -24.25 13.80 11.36
N ALA A 270 -23.22 14.39 10.81
CA ALA A 270 -22.12 14.94 11.62
C ALA A 270 -22.36 16.43 11.91
N PRO A 271 -21.86 16.91 13.06
CA PRO A 271 -21.86 18.37 13.33
C PRO A 271 -21.35 19.22 12.15
N THR A 272 -20.30 18.82 11.44
CA THR A 272 -19.82 19.55 10.30
C THR A 272 -20.90 19.74 9.27
N GLY A 273 -21.68 18.69 9.05
CA GLY A 273 -22.78 18.77 8.07
C GLY A 273 -23.88 19.70 8.54
N TYR A 274 -24.29 19.57 9.76
CA TYR A 274 -25.32 20.45 10.32
C TYR A 274 -24.87 21.94 10.23
N ALA A 275 -23.59 22.21 10.52
CA ALA A 275 -23.06 23.59 10.35
C ALA A 275 -23.16 24.08 8.87
N GLY A 276 -22.77 23.22 7.97
CA GLY A 276 -22.80 23.48 6.52
C GLY A 276 -24.23 23.70 6.04
N MET A 277 -25.19 22.92 6.55
CA MET A 277 -26.60 23.18 6.22
C MET A 277 -27.11 24.53 6.74
N LEU A 278 -26.79 24.86 7.98
CA LEU A 278 -27.29 26.04 8.60
C LEU A 278 -26.68 27.26 7.88
N ALA A 279 -25.54 27.08 7.24
CA ALA A 279 -24.90 28.21 6.46
C ALA A 279 -25.44 28.31 5.05
N ALA A 280 -26.22 27.34 4.60
CA ALA A 280 -26.64 27.33 3.23
C ALA A 280 -27.79 28.32 2.99
N PRO A 281 -27.67 29.12 1.91
CA PRO A 281 -28.74 30.08 1.63
C PRO A 281 -30.14 29.47 1.43
N ASN A 282 -30.19 28.28 0.93
CA ASN A 282 -31.47 27.66 0.65
C ASN A 282 -31.88 26.64 1.74
N LEU A 283 -31.38 26.81 2.95
CA LEU A 283 -31.88 26.02 4.09
C LEU A 283 -33.38 26.02 4.15
N PRO A 284 -34.02 24.84 4.20
CA PRO A 284 -35.50 24.90 4.10
C PRO A 284 -36.09 25.40 5.40
N SER A 285 -37.35 25.80 5.37
CA SER A 285 -38.05 26.21 6.61
C SER A 285 -38.77 25.02 7.22
N ARG A 286 -39.16 25.09 8.48
CA ARG A 286 -39.69 23.93 9.15
C ARG A 286 -40.95 23.41 8.55
N ASP A 287 -41.69 24.30 7.88
CA ASP A 287 -42.94 23.92 7.23
C ASP A 287 -42.70 23.08 5.98
N GLN A 288 -41.50 23.08 5.43
CA GLN A 288 -41.23 22.35 4.23
C GLN A 288 -40.76 20.90 4.51
N VAL A 289 -40.45 20.59 5.77
CA VAL A 289 -39.82 19.30 6.03
C VAL A 289 -40.67 18.53 6.97
N ALA A 290 -40.38 17.23 7.12
CA ALA A 290 -41.16 16.35 7.97
C ALA A 290 -40.29 15.79 9.12
N LEU A 291 -39.09 16.34 9.30
CA LEU A 291 -38.22 15.96 10.42
C LEU A 291 -38.90 16.04 11.77
N ARG A 292 -38.80 14.95 12.53
CA ARG A 292 -39.21 14.88 13.94
C ARG A 292 -38.02 14.59 14.85
N LEU A 293 -36.91 14.21 14.26
CA LEU A 293 -35.73 13.85 15.04
C LEU A 293 -34.51 14.03 14.22
N ALA A 294 -33.52 14.67 14.85
CA ALA A 294 -32.24 14.94 14.27
C ALA A 294 -31.14 14.43 15.16
N SER A 295 -30.39 13.45 14.65
CA SER A 295 -29.35 12.76 15.42
C SER A 295 -28.01 13.29 14.92
N SER A 296 -27.03 13.35 15.82
CA SER A 296 -25.64 13.66 15.43
CA SER A 296 -25.65 13.75 15.51
C SER A 296 -24.62 12.85 16.14
N ALA A 297 -23.60 12.47 15.39
CA ALA A 297 -22.41 11.87 15.92
C ALA A 297 -21.30 12.12 14.95
N GLY A 298 -20.09 11.82 15.39
CA GLY A 298 -18.92 11.85 14.51
C GLY A 298 -17.88 12.89 14.95
N GLU A 299 -18.25 13.74 15.87
CA GLU A 299 -17.39 14.72 16.57
C GLU A 299 -18.32 15.40 17.61
N ALA A 300 -17.75 16.07 18.61
CA ALA A 300 -18.57 16.78 19.58
C ALA A 300 -19.38 17.85 18.85
N LEU A 301 -20.67 17.98 19.24
CA LEU A 301 -21.51 18.97 18.59
C LEU A 301 -21.23 20.32 19.31
N PRO A 302 -20.74 21.35 18.61
CA PRO A 302 -20.66 22.67 19.30
C PRO A 302 -22.05 23.18 19.69
N ALA A 303 -22.19 23.76 20.88
CA ALA A 303 -23.48 24.18 21.39
C ALA A 303 -24.19 25.11 20.46
N GLU A 304 -23.44 26.02 19.81
CA GLU A 304 -24.07 27.04 18.97
C GLU A 304 -24.74 26.43 17.76
N ILE A 305 -24.17 25.32 17.26
CA ILE A 305 -24.78 24.65 16.13
C ILE A 305 -26.11 24.04 16.54
N GLY A 306 -26.14 23.33 17.67
CA GLY A 306 -27.40 22.82 18.17
C GLY A 306 -28.43 23.90 18.45
N GLN A 307 -27.96 24.96 19.06
CA GLN A 307 -28.84 26.12 19.44
C GLN A 307 -29.42 26.79 18.17
N ARG A 308 -28.61 27.03 17.13
CA ARG A 308 -29.06 27.62 15.91
C ARG A 308 -30.04 26.68 15.16
N PHE A 309 -29.77 25.38 15.16
CA PHE A 309 -30.70 24.45 14.52
C PHE A 309 -32.05 24.47 15.26
N GLN A 310 -31.99 24.49 16.56
CA GLN A 310 -33.23 24.50 17.34
C GLN A 310 -34.01 25.78 17.11
N ARG A 311 -33.32 26.89 17.04
CA ARG A 311 -34.01 28.20 16.76
C ARG A 311 -34.63 28.25 15.40
N HIS A 312 -33.98 27.66 14.41
CA HIS A 312 -34.52 27.62 13.08
C HIS A 312 -35.63 26.60 12.91
N PHE A 313 -35.41 25.36 13.39
CA PHE A 313 -36.36 24.28 13.16
C PHE A 313 -37.40 23.97 14.22
N GLY A 314 -37.18 24.46 15.41
CA GLY A 314 -37.96 24.02 16.58
C GLY A 314 -37.72 22.57 16.96
N LEU A 315 -36.56 22.02 16.58
CA LEU A 315 -36.15 20.64 16.81
C LEU A 315 -34.71 20.68 17.35
N ASP A 316 -34.38 19.93 18.40
CA ASP A 316 -33.01 19.89 18.88
C ASP A 316 -32.18 18.92 17.97
N ILE A 317 -30.88 19.03 18.07
CA ILE A 317 -30.03 18.03 17.55
C ILE A 317 -29.67 17.18 18.76
N VAL A 318 -29.80 15.85 18.59
CA VAL A 318 -29.53 14.92 19.62
C VAL A 318 -28.16 14.27 19.40
N ASP A 319 -27.18 14.76 20.15
CA ASP A 319 -25.73 14.37 20.00
C ASP A 319 -25.48 13.18 20.93
N GLY A 320 -24.81 12.13 20.42
CA GLY A 320 -24.38 11.00 21.25
C GLY A 320 -23.04 10.53 20.66
N ILE A 321 -22.34 9.72 21.44
CA ILE A 321 -21.08 9.17 21.07
C ILE A 321 -21.15 7.66 21.11
N GLY A 322 -20.61 7.09 20.05
CA GLY A 322 -20.37 5.67 19.92
C GLY A 322 -18.97 5.40 19.47
N SER A 323 -18.67 4.17 19.08
CA SER A 323 -17.39 3.86 18.45
C SER A 323 -17.57 2.65 17.60
N THR A 324 -16.63 2.44 16.65
CA THR A 324 -16.65 1.20 15.86
C THR A 324 -16.64 0.00 16.76
N GLU A 325 -15.81 0.06 17.80
CA GLU A 325 -15.69 -1.07 18.74
C GLU A 325 -16.95 -1.39 19.55
N MET A 326 -17.70 -0.35 19.97
CA MET A 326 -18.96 -0.54 20.65
C MET A 326 -20.18 -0.62 19.72
N LEU A 327 -19.94 -0.49 18.40
CA LEU A 327 -20.95 -0.61 17.36
C LEU A 327 -21.87 0.54 17.21
N HIS A 328 -22.39 1.06 18.31
CA HIS A 328 -23.20 2.30 18.25
C HIS A 328 -23.13 3.12 19.57
N ILE A 329 -24.06 4.06 19.77
CA ILE A 329 -23.97 5.08 20.75
C ILE A 329 -24.23 4.47 22.14
N PHE A 330 -23.35 4.79 23.06
CA PHE A 330 -23.46 4.37 24.45
C PHE A 330 -23.62 5.53 25.47
N LEU A 331 -23.45 6.78 25.02
CA LEU A 331 -23.57 7.98 25.85
C LEU A 331 -24.25 8.99 24.96
N SER A 332 -25.41 9.50 25.42
CA SER A 332 -26.22 10.35 24.52
C SER A 332 -27.14 11.29 25.22
N ASN A 333 -27.40 12.41 24.55
CA ASN A 333 -28.55 13.16 24.82
C ASN A 333 -29.80 12.35 24.47
N LEU A 334 -30.97 12.77 24.99
CA LEU A 334 -32.21 12.10 24.69
CA LEU A 334 -32.22 12.10 24.69
C LEU A 334 -33.06 13.01 23.80
N PRO A 335 -34.04 12.45 23.09
CA PRO A 335 -34.83 13.31 22.18
C PRO A 335 -35.58 14.38 22.96
N ASP A 336 -35.97 14.07 24.21
CA ASP A 336 -36.59 15.05 25.05
C ASP A 336 -35.73 15.62 26.19
N ARG A 337 -34.42 15.41 26.15
CA ARG A 337 -33.54 15.92 27.16
C ARG A 337 -32.19 16.12 26.53
N VAL A 338 -31.93 17.36 26.17
CA VAL A 338 -30.74 17.80 25.52
C VAL A 338 -30.03 18.85 26.35
N ARG A 339 -28.73 18.65 26.58
CA ARG A 339 -27.89 19.64 27.21
C ARG A 339 -26.71 19.94 26.31
N TYR A 340 -26.81 21.02 25.57
CA TYR A 340 -25.79 21.33 24.62
C TYR A 340 -24.50 21.65 25.38
N GLY A 341 -23.36 21.40 24.74
CA GLY A 341 -22.05 21.43 25.37
C GLY A 341 -21.73 20.12 26.10
N THR A 342 -22.64 19.14 26.07
CA THR A 342 -22.39 17.82 26.62
C THR A 342 -22.84 16.76 25.63
N THR A 343 -22.35 15.53 25.88
CA THR A 343 -22.88 14.36 25.22
C THR A 343 -23.93 13.58 25.99
N GLY A 344 -24.57 14.23 26.93
CA GLY A 344 -25.65 13.62 27.69
C GLY A 344 -25.24 12.55 28.68
N TRP A 345 -26.06 11.51 28.76
CA TRP A 345 -26.07 10.57 29.85
C TRP A 345 -25.85 9.14 29.34
N PRO A 346 -25.34 8.25 30.20
CA PRO A 346 -25.17 6.87 29.71
C PRO A 346 -26.47 6.31 29.16
N VAL A 347 -26.35 5.54 28.09
CA VAL A 347 -27.49 4.83 27.51
C VAL A 347 -27.82 3.64 28.38
N PRO A 348 -29.08 3.51 28.80
CA PRO A 348 -29.39 2.33 29.64
C PRO A 348 -28.96 1.04 28.93
N GLY A 349 -28.30 0.16 29.68
CA GLY A 349 -27.72 -1.01 29.10
C GLY A 349 -26.26 -0.94 29.03
N TYR A 350 -25.72 0.27 29.06
CA TYR A 350 -24.31 0.48 29.02
C TYR A 350 -23.84 1.14 30.33
N GLN A 351 -22.67 0.75 30.81
CA GLN A 351 -22.03 1.29 32.05
C GLN A 351 -20.83 2.02 31.59
N ILE A 352 -20.64 3.23 32.09
CA ILE A 352 -19.52 4.07 31.74
C ILE A 352 -18.60 4.29 32.92
N GLU A 353 -17.29 4.30 32.72
CA GLU A 353 -16.34 4.70 33.76
C GLU A 353 -15.34 5.66 33.25
N LEU A 354 -14.94 6.62 34.09
CA LEU A 354 -13.82 7.50 33.81
C LEU A 354 -12.63 7.12 34.71
N ARG A 355 -11.48 6.86 34.11
CA ARG A 355 -10.33 6.38 34.92
C ARG A 355 -9.15 7.33 34.84
N GLY A 356 -8.43 7.50 35.95
CA GLY A 356 -7.29 8.40 35.97
C GLY A 356 -6.02 7.65 35.63
N ASP A 357 -4.90 8.26 36.01
CA ASP A 357 -3.53 7.83 35.64
C ASP A 357 -3.21 6.43 36.16
N GLY A 358 -3.85 6.02 37.24
CA GLY A 358 -3.61 4.70 37.73
C GLY A 358 -4.73 3.72 37.61
N GLY A 359 -5.73 4.02 36.80
CA GLY A 359 -6.81 3.08 36.66
C GLY A 359 -7.99 3.32 37.56
N GLY A 360 -7.85 4.23 38.49
CA GLY A 360 -8.85 4.47 39.52
C GLY A 360 -9.89 5.49 39.14
N PRO A 361 -11.00 5.54 39.89
CA PRO A 361 -11.96 6.59 39.50
C PRO A 361 -11.46 8.04 39.76
N VAL A 362 -12.09 9.00 39.11
CA VAL A 362 -11.66 10.36 39.10
C VAL A 362 -12.82 11.09 39.72
N ALA A 363 -12.55 12.23 40.30
CA ALA A 363 -13.57 12.97 41.00
C ALA A 363 -14.39 13.72 39.95
N ASP A 364 -15.64 14.00 40.28
CA ASP A 364 -16.51 14.75 39.39
C ASP A 364 -15.94 16.09 39.01
N GLY A 365 -16.05 16.42 37.74
CA GLY A 365 -15.46 17.62 37.27
C GLY A 365 -14.04 17.45 36.77
N GLU A 366 -13.45 16.30 37.04
CA GLU A 366 -12.10 16.02 36.55
C GLU A 366 -12.16 15.06 35.35
N PRO A 367 -11.28 15.29 34.38
CA PRO A 367 -11.16 14.43 33.19
C PRO A 367 -10.60 13.03 33.53
N GLY A 368 -11.18 12.01 32.92
CA GLY A 368 -10.65 10.68 32.98
C GLY A 368 -10.79 9.99 31.64
N ASP A 369 -10.06 8.89 31.48
CA ASP A 369 -10.18 8.12 30.23
C ASP A 369 -11.47 7.34 30.29
N LEU A 370 -12.17 7.37 29.17
CA LEU A 370 -13.51 6.73 29.12
C LEU A 370 -13.50 5.23 28.78
N TYR A 371 -14.18 4.42 29.55
CA TYR A 371 -14.23 2.97 29.32
C TYR A 371 -15.69 2.64 29.32
N ILE A 372 -16.10 1.68 28.48
CA ILE A 372 -17.44 1.29 28.32
C ILE A 372 -17.64 -0.17 28.56
N HIS A 373 -18.70 -0.54 29.33
CA HIS A 373 -19.10 -1.92 29.51
C HIS A 373 -20.52 -2.08 28.96
N GLY A 374 -20.66 -2.79 27.88
CA GLY A 374 -22.04 -3.03 27.32
C GLY A 374 -22.03 -4.24 26.43
N PRO A 375 -23.17 -4.66 25.96
CA PRO A 375 -23.34 -5.95 25.33
C PRO A 375 -23.10 -5.92 23.82
N SER A 376 -22.73 -4.76 23.26
CA SER A 376 -22.52 -4.64 21.81
C SER A 376 -21.03 -4.49 21.51
N SER A 377 -20.15 -4.71 22.51
CA SER A 377 -18.74 -4.57 22.22
C SER A 377 -18.21 -5.63 21.26
N ALA A 378 -17.31 -5.23 20.37
CA ALA A 378 -16.59 -6.18 19.51
C ALA A 378 -15.77 -7.13 20.41
N THR A 379 -15.42 -8.29 19.88
CA THR A 379 -14.69 -9.31 20.65
C THR A 379 -13.20 -9.14 20.64
N MET A 380 -12.72 -8.53 19.59
CA MET A 380 -11.29 -8.46 19.35
C MET A 380 -11.05 -7.68 18.05
N TYR A 381 -9.80 -7.35 17.82
CA TYR A 381 -9.28 -6.96 16.52
C TYR A 381 -8.70 -8.27 15.94
N TRP A 382 -9.16 -8.68 14.77
CA TRP A 382 -8.79 -9.97 14.18
C TRP A 382 -7.33 -10.02 13.95
N GLY A 383 -6.71 -11.07 14.47
CA GLY A 383 -5.27 -11.28 14.18
C GLY A 383 -4.34 -10.34 14.87
N ASN A 384 -4.83 -9.54 15.84
CA ASN A 384 -3.94 -8.55 16.53
C ASN A 384 -4.22 -8.64 18.02
N ARG A 385 -3.54 -9.61 18.62
CA ARG A 385 -3.76 -9.92 20.03
CA ARG A 385 -3.73 -9.92 20.03
C ARG A 385 -3.28 -8.79 20.94
N ALA A 386 -2.23 -8.10 20.55
CA ALA A 386 -1.64 -7.05 21.41
C ALA A 386 -2.58 -5.84 21.52
N LYS A 387 -3.02 -5.33 20.37
CA LYS A 387 -4.04 -4.30 20.36
C LYS A 387 -5.36 -4.72 20.97
N SER A 388 -5.81 -5.98 20.78
CA SER A 388 -6.99 -6.49 21.47
C SER A 388 -6.84 -6.40 22.98
N ARG A 389 -5.69 -6.84 23.50
CA ARG A 389 -5.39 -6.75 24.95
C ARG A 389 -5.49 -5.30 25.45
N ASP A 390 -5.01 -4.33 24.70
CA ASP A 390 -5.02 -2.98 25.15
C ASP A 390 -6.44 -2.42 25.19
N THR A 391 -7.32 -2.88 24.32
CA THR A 391 -8.64 -2.25 24.15
C THR A 391 -9.76 -3.00 24.89
N PHE A 392 -9.77 -4.33 24.84
CA PHE A 392 -10.90 -5.11 25.34
C PHE A 392 -10.37 -5.79 26.59
N GLN A 393 -10.89 -5.48 27.75
CA GLN A 393 -10.32 -6.18 28.94
C GLN A 393 -11.34 -6.34 30.02
N GLY A 394 -11.67 -7.61 30.24
CA GLY A 394 -12.54 -8.04 31.32
C GLY A 394 -13.88 -7.34 31.21
N GLY A 395 -14.43 -7.31 30.00
CA GLY A 395 -15.71 -6.68 29.76
C GLY A 395 -15.73 -5.18 29.52
N TRP A 396 -14.60 -4.50 29.70
CA TRP A 396 -14.47 -3.06 29.47
C TRP A 396 -13.78 -2.79 28.17
N THR A 397 -14.33 -1.83 27.39
CA THR A 397 -13.74 -1.34 26.18
C THR A 397 -13.22 0.07 26.34
N LYS A 398 -11.93 0.23 26.12
CA LYS A 398 -11.27 1.49 26.19
C LYS A 398 -11.50 2.34 24.93
N SER A 399 -12.05 3.55 25.09
CA SER A 399 -12.45 4.30 23.89
C SER A 399 -11.30 5.14 23.30
N GLY A 400 -10.28 5.47 24.08
CA GLY A 400 -9.27 6.50 23.62
C GLY A 400 -9.74 7.95 23.78
N ASP A 401 -10.96 8.16 24.28
CA ASP A 401 -11.45 9.49 24.55
C ASP A 401 -11.28 9.80 26.07
N LYS A 402 -11.18 11.07 26.39
CA LYS A 402 -11.30 11.58 27.74
C LYS A 402 -12.60 12.33 27.90
N TYR A 403 -13.20 12.17 29.05
CA TYR A 403 -14.41 12.92 29.39
C TYR A 403 -14.38 13.45 30.85
N VAL A 404 -15.29 14.38 31.15
CA VAL A 404 -15.59 14.96 32.50
C VAL A 404 -17.06 14.68 32.84
N ARG A 405 -17.35 14.19 34.01
CA ARG A 405 -18.72 14.02 34.42
C ARG A 405 -19.19 15.25 35.20
N ASN A 406 -20.35 15.78 34.82
CA ASN A 406 -20.90 17.02 35.39
C ASN A 406 -21.80 16.66 36.57
N ASP A 407 -22.18 17.67 37.35
CA ASP A 407 -23.02 17.44 38.51
C ASP A 407 -24.36 16.89 38.16
N ASP A 408 -24.88 17.12 36.96
CA ASP A 408 -26.18 16.54 36.65
C ASP A 408 -26.09 15.13 36.05
N GLY A 409 -24.89 14.55 36.08
CA GLY A 409 -24.67 13.17 35.57
C GLY A 409 -24.37 13.16 34.05
N SER A 410 -24.39 14.33 33.39
CA SER A 410 -24.00 14.40 31.99
C SER A 410 -22.47 14.33 31.83
N TYR A 411 -22.07 14.09 30.60
CA TYR A 411 -20.66 13.93 30.30
C TYR A 411 -20.21 14.91 29.25
N THR A 412 -19.08 15.60 29.48
CA THR A 412 -18.53 16.60 28.53
C THR A 412 -17.20 16.14 27.97
N TYR A 413 -17.08 16.18 26.64
CA TYR A 413 -15.87 15.75 25.96
C TYR A 413 -14.62 16.53 26.39
N ALA A 414 -13.49 15.81 26.57
CA ALA A 414 -12.26 16.42 27.07
C ALA A 414 -11.01 16.08 26.23
N GLY A 415 -11.19 15.48 25.08
CA GLY A 415 -10.07 15.29 24.15
C GLY A 415 -9.72 13.81 24.07
N ARG A 416 -8.63 13.54 23.41
CA ARG A 416 -8.26 12.20 23.04
C ARG A 416 -7.01 11.85 23.76
N THR A 417 -6.79 10.57 23.94
CA THR A 417 -5.56 10.14 24.54
C THR A 417 -4.45 9.77 23.53
N ASP A 418 -4.68 9.90 22.22
CA ASP A 418 -3.71 9.53 21.16
C ASP A 418 -3.46 10.42 19.90
N ASP A 419 -3.70 11.69 19.93
CA ASP A 419 -3.32 12.41 18.70
C ASP A 419 -4.32 12.32 17.50
N MET A 420 -5.25 11.36 17.45
CA MET A 420 -6.16 11.29 16.27
C MET A 420 -7.02 12.50 16.30
N LEU A 421 -7.43 12.94 15.12
CA LEU A 421 -8.35 14.09 15.00
C LEU A 421 -9.62 13.49 14.49
N LYS A 422 -10.75 13.96 14.99
CA LYS A 422 -12.02 13.50 14.43
C LYS A 422 -12.58 14.60 13.59
N VAL A 423 -12.53 14.45 12.28
CA VAL A 423 -12.85 15.55 11.39
C VAL A 423 -14.14 15.04 10.69
N SER A 424 -15.31 15.34 11.26
CA SER A 424 -16.55 15.07 10.60
C SER A 424 -16.82 13.61 10.47
N GLY A 425 -16.53 12.81 11.50
CA GLY A 425 -16.91 11.41 11.51
C GLY A 425 -15.82 10.46 11.08
N ILE A 426 -14.69 11.00 10.60
CA ILE A 426 -13.61 10.17 10.12
C ILE A 426 -12.46 10.62 10.98
N TYR A 427 -11.91 9.63 11.63
CA TYR A 427 -10.69 9.79 12.30
C TYR A 427 -9.61 10.04 11.25
N VAL A 428 -8.76 11.02 11.53
CA VAL A 428 -7.67 11.39 10.63
C VAL A 428 -6.43 11.43 11.51
N SER A 429 -5.36 10.80 11.06
CA SER A 429 -4.06 10.78 11.79
C SER A 429 -3.24 11.95 11.33
N PRO A 430 -2.84 12.84 12.26
CA PRO A 430 -1.89 13.90 11.92
C PRO A 430 -0.63 13.32 11.33
N PHE A 431 -0.18 12.16 11.81
CA PHE A 431 1.07 11.60 11.36
C PHE A 431 1.04 11.23 9.87
N GLU A 432 -0.10 10.75 9.41
CA GLU A 432 -0.30 10.50 8.00
C GLU A 432 -0.14 11.73 7.18
N ILE A 433 -0.77 12.80 7.63
CA ILE A 433 -0.72 14.02 6.84
C ILE A 433 0.73 14.56 6.85
N GLU A 434 1.44 14.47 8.00
CA GLU A 434 2.81 14.91 8.08
C GLU A 434 3.71 14.14 7.08
N ALA A 435 3.51 12.84 7.04
CA ALA A 435 4.36 11.99 6.17
C ALA A 435 4.08 12.23 4.70
N THR A 436 2.86 12.66 4.39
CA THR A 436 2.57 13.13 3.07
C THR A 436 3.23 14.46 2.69
N LEU A 437 3.09 15.45 3.55
CA LEU A 437 3.72 16.74 3.32
C LEU A 437 5.26 16.64 3.09
N VAL A 438 6.01 15.84 3.87
CA VAL A 438 7.46 15.82 3.74
C VAL A 438 7.93 15.13 2.45
N GLN A 439 7.00 14.49 1.73
CA GLN A 439 7.34 13.97 0.40
C GLN A 439 7.33 15.04 -0.69
N HIS A 440 6.96 16.29 -0.37
CA HIS A 440 7.11 17.35 -1.35
C HIS A 440 8.55 17.82 -1.27
N PRO A 441 9.30 17.86 -2.38
CA PRO A 441 10.69 18.22 -2.29
C PRO A 441 11.07 19.54 -1.64
N GLY A 442 10.13 20.52 -1.63
CA GLY A 442 10.30 21.80 -0.95
C GLY A 442 10.01 21.88 0.52
N VAL A 443 9.66 20.77 1.15
CA VAL A 443 9.24 20.75 2.57
C VAL A 443 10.38 20.04 3.28
N LEU A 444 10.95 20.67 4.31
CA LEU A 444 11.97 20.04 5.18
C LEU A 444 11.31 19.22 6.34
N GLU A 445 10.30 19.78 6.99
CA GLU A 445 9.69 19.20 8.22
C GLU A 445 8.22 19.61 8.22
N ALA A 446 7.39 18.82 8.88
CA ALA A 446 5.97 19.19 8.96
C ALA A 446 5.39 18.65 10.25
N ALA A 447 4.50 19.43 10.86
CA ALA A 447 3.79 19.04 12.07
C ALA A 447 2.33 19.40 11.81
N VAL A 448 1.44 18.52 12.20
CA VAL A 448 0.00 18.74 11.99
C VAL A 448 -0.68 18.55 13.34
N VAL A 449 -1.57 19.49 13.66
CA VAL A 449 -2.34 19.52 14.90
C VAL A 449 -3.79 19.85 14.57
N GLY A 450 -4.71 19.59 15.50
CA GLY A 450 -6.12 20.00 15.26
C GLY A 450 -6.34 21.39 15.78
N VAL A 451 -7.07 22.18 15.03
CA VAL A 451 -7.43 23.52 15.46
C VAL A 451 -8.93 23.67 15.24
N ALA A 452 -9.62 24.18 16.24
CA ALA A 452 -11.06 24.46 16.12
C ALA A 452 -11.30 25.64 15.18
N ASP A 453 -12.18 25.50 14.21
CA ASP A 453 -12.51 26.59 13.30
C ASP A 453 -13.54 27.58 13.94
N GLU A 454 -14.11 28.44 13.12
CA GLU A 454 -14.94 29.53 13.60
C GLU A 454 -16.28 29.02 14.18
N HIS A 455 -16.64 27.76 13.87
CA HIS A 455 -17.81 27.10 14.39
C HIS A 455 -17.48 26.11 15.49
N GLY A 456 -16.23 26.09 15.94
CA GLY A 456 -15.81 25.19 16.99
C GLY A 456 -15.53 23.77 16.50
N LEU A 457 -15.42 23.55 15.21
CA LEU A 457 -15.20 22.20 14.64
C LEU A 457 -13.72 21.99 14.36
N THR A 458 -13.18 20.87 14.82
CA THR A 458 -11.75 20.60 14.66
C THR A 458 -11.38 20.22 13.23
N LYS A 459 -10.32 20.87 12.70
CA LYS A 459 -9.79 20.62 11.40
C LYS A 459 -8.26 20.53 11.59
N PRO A 460 -7.59 19.81 10.69
CA PRO A 460 -6.13 19.74 10.79
C PRO A 460 -5.54 21.07 10.38
N LYS A 461 -4.37 21.40 10.94
CA LYS A 461 -3.63 22.63 10.58
C LYS A 461 -2.18 22.20 10.45
N ALA A 462 -1.51 22.60 9.39
CA ALA A 462 -0.16 22.14 9.14
C ALA A 462 0.81 23.29 9.37
N TYR A 463 1.90 22.98 10.03
CA TYR A 463 3.07 23.89 10.20
C TYR A 463 4.22 23.26 9.52
N VAL A 464 4.75 23.97 8.54
CA VAL A 464 5.72 23.42 7.59
C VAL A 464 7.00 24.25 7.57
N VAL A 465 8.15 23.61 7.75
CA VAL A 465 9.41 24.27 7.58
C VAL A 465 9.83 24.00 6.13
N PRO A 466 9.99 25.05 5.33
CA PRO A 466 10.38 24.76 3.95
C PRO A 466 11.87 24.48 3.86
N ARG A 467 12.29 23.76 2.84
CA ARG A 467 13.71 23.42 2.66
C ARG A 467 14.42 24.66 2.05
N PRO A 468 15.47 25.16 2.72
CA PRO A 468 16.28 26.21 2.13
C PRO A 468 16.76 25.75 0.79
N GLY A 469 16.72 26.68 -0.16
CA GLY A 469 17.22 26.42 -1.51
C GLY A 469 16.14 26.04 -2.50
N GLN A 470 14.90 25.86 -2.01
CA GLN A 470 13.75 25.67 -2.91
C GLN A 470 12.76 26.74 -2.64
N THR A 471 11.85 26.81 -3.58
CA THR A 471 10.73 27.68 -3.56
C THR A 471 9.58 26.74 -3.34
N LEU A 472 8.60 27.22 -2.60
CA LEU A 472 7.43 26.42 -2.31
C LEU A 472 6.43 27.43 -1.87
N SER A 473 5.36 27.56 -2.63
CA SER A 473 4.26 28.45 -2.31
C SER A 473 3.12 27.67 -1.71
N GLU A 474 2.21 28.38 -1.04
CA GLU A 474 1.03 27.78 -0.44
C GLU A 474 0.21 27.11 -1.52
N THR A 475 0.13 27.73 -2.71
CA THR A 475 -0.67 27.15 -3.76
C THR A 475 -0.09 25.83 -4.23
N GLU A 476 1.22 25.76 -4.51
CA GLU A 476 1.84 24.51 -5.00
C GLU A 476 1.62 23.44 -3.96
N LEU A 477 1.64 23.80 -2.67
CA LEU A 477 1.44 22.78 -1.63
C LEU A 477 0.02 22.27 -1.65
N LYS A 478 -0.96 23.16 -1.90
CA LYS A 478 -2.39 22.81 -2.08
C LYS A 478 -2.60 21.82 -3.24
N THR A 479 -1.99 22.12 -4.38
CA THR A 479 -1.98 21.24 -5.55
C THR A 479 -1.40 19.89 -5.20
N PHE A 480 -0.29 19.91 -4.48
CA PHE A 480 0.33 18.67 -4.08
C PHE A 480 -0.60 17.88 -3.14
N ILE A 481 -1.15 18.51 -2.14
CA ILE A 481 -2.00 17.74 -1.20
C ILE A 481 -3.30 17.27 -1.89
N LYS A 482 -3.87 18.12 -2.79
CA LYS A 482 -5.00 17.70 -3.65
C LYS A 482 -4.69 16.43 -4.35
N ASP A 483 -3.49 16.35 -4.91
CA ASP A 483 -3.07 15.15 -5.62
C ASP A 483 -2.83 13.93 -4.67
N ARG A 484 -2.47 14.16 -3.40
CA ARG A 484 -2.00 13.04 -2.55
CA ARG A 484 -2.00 13.05 -2.53
C ARG A 484 -3.00 12.53 -1.47
N LEU A 485 -3.95 13.35 -1.03
CA LEU A 485 -4.86 13.00 0.07
C LEU A 485 -6.34 13.17 -0.26
N ALA A 486 -7.17 12.40 0.43
CA ALA A 486 -8.61 12.56 0.35
C ALA A 486 -9.02 13.88 0.97
N PRO A 487 -10.10 14.51 0.46
CA PRO A 487 -10.44 15.83 0.97
C PRO A 487 -10.76 15.87 2.49
N TYR A 488 -11.25 14.74 3.04
CA TYR A 488 -11.53 14.54 4.46
C TYR A 488 -10.24 14.62 5.31
N LYS A 489 -9.09 14.41 4.70
CA LYS A 489 -7.78 14.68 5.34
C LYS A 489 -7.11 16.05 5.13
N TYR A 490 -7.68 16.96 4.32
CA TYR A 490 -6.94 18.20 4.01
C TYR A 490 -6.73 19.08 5.24
N PRO A 491 -5.52 19.65 5.41
CA PRO A 491 -5.39 20.70 6.40
C PRO A 491 -6.24 21.88 6.01
N ARG A 492 -6.84 22.53 6.98
CA ARG A 492 -7.63 23.72 6.74
C ARG A 492 -6.78 24.89 6.33
N SER A 493 -5.55 24.94 6.82
CA SER A 493 -4.58 25.92 6.36
C SER A 493 -3.18 25.36 6.70
N THR A 494 -2.18 25.88 6.01
CA THR A 494 -0.80 25.58 6.28
C THR A 494 -0.08 26.85 6.67
N VAL A 495 0.74 26.83 7.72
CA VAL A 495 1.57 27.97 8.07
C VAL A 495 3.02 27.56 7.80
N PHE A 496 3.75 28.38 7.03
CA PHE A 496 5.20 28.26 6.92
C PHE A 496 5.92 28.86 8.12
N VAL A 497 6.79 28.12 8.76
CA VAL A 497 7.58 28.59 9.91
C VAL A 497 9.06 28.31 9.64
N ALA A 498 9.94 28.99 10.38
CA ALA A 498 11.37 28.83 10.20
C ALA A 498 11.90 27.59 10.93
N GLU A 499 11.22 27.18 11.99
CA GLU A 499 11.62 25.98 12.73
C GLU A 499 10.43 25.47 13.52
N LEU A 500 10.51 24.26 14.02
CA LEU A 500 9.50 23.76 14.92
C LEU A 500 10.10 23.54 16.31
N PRO A 501 9.30 23.67 17.37
CA PRO A 501 9.77 23.36 18.74
C PRO A 501 9.93 21.88 18.94
N LYS A 502 11.09 21.46 19.47
CA LYS A 502 11.34 20.03 19.61
C LYS A 502 12.03 19.70 20.90
N THR A 503 11.94 18.45 21.32
CA THR A 503 12.77 17.90 22.44
C THR A 503 14.16 17.58 21.91
N ALA A 504 15.10 17.14 22.77
CA ALA A 504 16.49 17.03 22.31
C ALA A 504 16.61 15.68 21.59
N THR A 505 15.56 14.91 21.68
CA THR A 505 15.38 13.65 20.97
C THR A 505 14.95 13.93 19.51
N GLY A 506 14.52 15.17 19.28
CA GLY A 506 13.84 15.57 18.00
C GLY A 506 12.36 15.37 17.95
N LYS A 507 11.72 15.02 19.09
CA LYS A 507 10.28 14.95 19.15
C LYS A 507 9.67 16.34 19.03
N ILE A 508 8.70 16.49 18.14
CA ILE A 508 8.08 17.82 17.95
C ILE A 508 7.12 18.06 19.11
N GLN A 509 7.18 19.24 19.69
CA GLN A 509 6.32 19.60 20.82
C GLN A 509 4.98 20.15 20.31
N ARG A 510 4.14 19.22 19.88
CA ARG A 510 2.93 19.60 19.16
C ARG A 510 2.01 20.43 20.08
N PHE A 511 2.14 20.24 21.39
CA PHE A 511 1.26 20.94 22.29
C PHE A 511 1.52 22.44 22.18
N LYS A 512 2.77 22.79 21.88
CA LYS A 512 3.13 24.22 21.81
C LYS A 512 2.52 24.77 20.58
N LEU A 513 2.27 23.96 19.55
CA LEU A 513 1.65 24.51 18.34
C LEU A 513 0.13 24.69 18.52
N ARG A 514 -0.50 23.88 19.35
CA ARG A 514 -1.92 24.08 19.67
CA ARG A 514 -1.92 24.08 19.68
C ARG A 514 -2.07 25.39 20.48
N GLU A 515 -1.09 25.71 21.36
CA GLU A 515 -0.90 27.10 21.90
C GLU A 515 -0.53 28.11 20.71
N GLY A 516 0.66 28.73 20.61
CA GLY A 516 0.93 29.75 19.52
C GLY A 516 2.22 29.65 18.69
N VAL B 1 36.43 -23.94 -10.45
CA VAL B 1 36.33 -23.12 -9.21
C VAL B 1 36.10 -23.99 -7.97
N THR B 2 36.90 -23.79 -6.95
CA THR B 2 36.75 -24.51 -5.73
C THR B 2 35.56 -24.03 -4.90
N PRO B 3 34.73 -24.97 -4.44
CA PRO B 3 33.53 -24.61 -3.71
C PRO B 3 33.91 -23.93 -2.42
N PRO B 4 33.06 -23.00 -1.93
CA PRO B 4 33.33 -22.43 -0.62
C PRO B 4 33.32 -23.49 0.43
N PRO B 5 34.05 -23.28 1.53
CA PRO B 5 33.97 -24.23 2.65
C PRO B 5 32.61 -24.17 3.32
N GLU B 6 32.25 -25.24 4.00
CA GLU B 6 30.96 -25.32 4.65
C GLU B 6 30.77 -24.19 5.70
N LYS B 7 31.83 -23.85 6.43
CA LYS B 7 31.84 -22.69 7.38
C LYS B 7 32.28 -21.51 6.53
N PHE B 8 31.40 -20.53 6.31
CA PHE B 8 31.71 -19.50 5.25
C PHE B 8 30.86 -18.27 5.55
N ASN B 9 31.51 -17.13 5.67
CA ASN B 9 30.86 -15.84 5.76
C ASN B 9 31.32 -15.03 4.59
N PHE B 10 30.37 -14.66 3.67
CA PHE B 10 30.76 -13.96 2.47
C PHE B 10 31.39 -12.59 2.70
N ALA B 11 30.94 -11.84 3.71
CA ALA B 11 31.63 -10.57 4.01
C ALA B 11 33.08 -10.80 4.46
N GLU B 12 33.33 -11.70 5.41
CA GLU B 12 34.68 -12.05 5.85
C GLU B 12 35.54 -12.48 4.64
N HIS B 13 34.93 -13.26 3.74
CA HIS B 13 35.61 -13.64 2.50
C HIS B 13 36.10 -12.43 1.70
N LEU B 14 35.24 -11.46 1.40
CA LEU B 14 35.64 -10.28 0.67
C LEU B 14 36.63 -9.42 1.47
N LEU B 15 36.52 -9.36 2.80
CA LEU B 15 37.49 -8.55 3.57
C LEU B 15 38.90 -9.24 3.55
N GLN B 16 38.90 -10.53 3.80
CA GLN B 16 40.13 -11.34 3.81
C GLN B 16 40.88 -11.24 2.50
N THR B 17 40.15 -11.40 1.38
CA THR B 17 40.72 -11.23 0.03
C THR B 17 41.53 -9.97 -0.17
N ASN B 18 41.14 -8.89 0.47
CA ASN B 18 41.74 -7.58 0.24
C ASN B 18 42.68 -7.07 1.35
N ARG B 19 43.01 -7.92 2.30
CA ARG B 19 44.06 -7.62 3.30
C ARG B 19 45.42 -7.37 2.69
N VAL B 20 45.63 -7.88 1.49
CA VAL B 20 46.87 -7.66 0.76
C VAL B 20 46.94 -6.27 0.19
N ARG B 21 45.84 -5.50 0.13
CA ARG B 21 45.85 -4.21 -0.48
C ARG B 21 45.10 -3.19 0.34
N PRO B 22 45.50 -2.98 1.60
CA PRO B 22 44.76 -2.14 2.54
C PRO B 22 44.66 -0.72 2.08
N ASP B 23 45.65 -0.26 1.33
CA ASP B 23 45.61 1.15 1.01
C ASP B 23 45.10 1.46 -0.37
N LYS B 24 44.73 0.44 -1.14
CA LYS B 24 44.10 0.68 -2.45
C LYS B 24 42.65 1.20 -2.25
N THR B 25 42.20 2.09 -3.12
CA THR B 25 40.84 2.56 -3.06
C THR B 25 39.88 1.43 -3.38
N ALA B 26 38.92 1.23 -2.48
CA ALA B 26 37.86 0.16 -2.67
C ALA B 26 36.66 0.80 -3.38
N PHE B 27 36.23 1.95 -2.85
CA PHE B 27 35.07 2.67 -3.38
C PHE B 27 35.30 4.14 -3.32
N VAL B 28 34.82 4.83 -4.33
CA VAL B 28 34.93 6.24 -4.38
C VAL B 28 33.67 6.75 -5.01
N ASP B 29 33.13 7.85 -4.45
CA ASP B 29 32.01 8.51 -5.07
C ASP B 29 32.27 10.09 -5.22
N ASP B 30 31.23 10.88 -5.49
CA ASP B 30 31.42 12.34 -5.65
C ASP B 30 32.05 13.01 -4.37
N ILE B 31 31.88 12.47 -3.19
CA ILE B 31 32.35 13.21 -2.00
C ILE B 31 33.19 12.45 -1.07
N SER B 32 33.44 11.17 -1.30
CA SER B 32 34.09 10.36 -0.26
C SER B 32 34.76 9.15 -0.93
N SER B 33 35.63 8.49 -0.18
CA SER B 33 36.39 7.38 -0.69
C SER B 33 36.76 6.53 0.49
N LEU B 34 36.85 5.23 0.23
CA LEU B 34 37.22 4.26 1.25
C LEU B 34 38.25 3.40 0.65
N SER B 35 39.42 3.30 1.31
CA SER B 35 40.36 2.23 1.00
C SER B 35 39.84 0.91 1.49
N PHE B 36 40.47 -0.18 1.06
CA PHE B 36 40.07 -1.50 1.53
C PHE B 36 40.11 -1.62 3.07
N ALA B 37 41.18 -1.11 3.65
CA ALA B 37 41.31 -1.15 5.13
C ALA B 37 40.19 -0.30 5.85
N GLN B 38 39.90 0.86 5.34
CA GLN B 38 38.86 1.75 5.92
C GLN B 38 37.49 1.07 5.78
N LEU B 39 37.29 0.42 4.63
CA LEU B 39 36.07 -0.37 4.40
C LEU B 39 35.95 -1.52 5.37
N GLU B 40 37.02 -2.25 5.62
CA GLU B 40 36.96 -3.31 6.59
C GLU B 40 36.55 -2.79 7.99
N ALA B 41 37.20 -1.72 8.39
CA ALA B 41 37.03 -1.13 9.71
C ALA B 41 35.55 -0.74 9.89
N GLN B 42 35.00 0.01 8.92
CA GLN B 42 33.65 0.49 9.02
C GLN B 42 32.63 -0.62 8.95
N THR B 43 32.90 -1.59 8.07
CA THR B 43 32.12 -2.82 8.02
C THR B 43 32.05 -3.53 9.38
N ARG B 44 33.20 -3.70 10.01
CA ARG B 44 33.17 -4.45 11.26
C ARG B 44 32.58 -3.64 12.38
N GLN B 45 32.74 -2.34 12.31
CA GLN B 45 32.12 -1.44 13.35
C GLN B 45 30.57 -1.40 13.22
N LEU B 46 30.11 -1.31 11.97
CA LEU B 46 28.69 -1.39 11.71
CA LEU B 46 28.69 -1.42 11.65
C LEU B 46 28.11 -2.73 12.15
N ALA B 47 28.82 -3.81 11.89
CA ALA B 47 28.40 -5.14 12.41
C ALA B 47 28.19 -5.13 13.90
N ALA B 48 29.18 -4.56 14.62
CA ALA B 48 29.08 -4.45 16.10
C ALA B 48 27.92 -3.58 16.51
N ALA B 49 27.79 -2.43 15.84
CA ALA B 49 26.68 -1.49 16.10
C ALA B 49 25.29 -2.12 15.95
N LEU B 50 25.10 -2.92 14.88
CA LEU B 50 23.85 -3.55 14.65
C LEU B 50 23.55 -4.58 15.76
N ARG B 51 24.58 -5.29 16.19
CA ARG B 51 24.39 -6.19 17.29
C ARG B 51 24.06 -5.49 18.58
N ALA B 52 24.60 -4.29 18.81
CA ALA B 52 24.46 -3.53 20.04
C ALA B 52 23.06 -3.00 20.18
N ILE B 53 22.34 -2.75 19.08
CA ILE B 53 20.97 -2.33 19.20
C ILE B 53 20.04 -3.51 19.24
N GLY B 54 20.57 -4.72 19.37
CA GLY B 54 19.70 -5.90 19.57
C GLY B 54 19.31 -6.66 18.32
N VAL B 55 19.85 -6.31 17.15
CA VAL B 55 19.57 -7.13 15.95
C VAL B 55 20.34 -8.44 16.00
N LYS B 56 19.63 -9.55 15.91
CA LYS B 56 20.20 -10.86 16.01
C LYS B 56 20.54 -11.52 14.68
N ARG B 57 21.35 -12.57 14.81
CA ARG B 57 21.61 -13.43 13.69
C ARG B 57 20.33 -13.91 13.05
N GLU B 58 20.36 -13.86 11.72
CA GLU B 58 19.23 -14.28 10.86
C GLU B 58 18.07 -13.31 10.72
N GLU B 59 18.02 -12.28 11.58
CA GLU B 59 17.02 -11.19 11.46
C GLU B 59 17.36 -10.30 10.27
N ARG B 60 16.32 -9.70 9.64
CA ARG B 60 16.51 -8.84 8.53
C ARG B 60 16.67 -7.37 8.94
N VAL B 61 17.36 -6.60 8.07
CA VAL B 61 17.35 -5.16 8.13
C VAL B 61 17.12 -4.66 6.70
N LEU B 62 16.35 -3.58 6.57
CA LEU B 62 16.11 -3.04 5.26
C LEU B 62 17.22 -2.08 4.88
N LEU B 63 17.71 -2.25 3.66
CA LEU B 63 18.78 -1.43 3.10
C LEU B 63 18.18 -0.68 1.91
N LEU B 64 17.87 0.60 2.19
CA LEU B 64 17.20 1.51 1.27
C LEU B 64 18.13 2.77 1.05
N MET B 65 19.08 2.63 0.17
CA MET B 65 20.20 3.55 0.07
C MET B 65 20.62 3.77 -1.35
N LEU B 66 20.83 5.04 -1.67
CA LEU B 66 21.41 5.41 -2.93
C LEU B 66 22.87 4.88 -3.02
N ASP B 67 23.36 4.73 -4.24
CA ASP B 67 24.73 4.31 -4.40
C ASP B 67 25.71 5.33 -3.80
N GLY B 68 26.70 4.85 -3.06
CA GLY B 68 27.72 5.70 -2.46
C GLY B 68 28.50 4.84 -1.50
N THR B 69 29.57 5.39 -0.92
CA THR B 69 30.52 4.58 -0.13
C THR B 69 29.87 3.94 1.08
N ASP B 70 28.77 4.49 1.65
CA ASP B 70 28.15 3.87 2.79
C ASP B 70 27.36 2.54 2.43
N TRP B 71 26.94 2.42 1.22
CA TRP B 71 26.18 1.26 0.79
C TRP B 71 26.90 -0.06 1.00
N PRO B 72 28.14 -0.22 0.51
CA PRO B 72 28.78 -1.50 0.75
C PRO B 72 29.09 -1.71 2.26
N VAL B 73 29.35 -0.63 3.00
CA VAL B 73 29.51 -0.79 4.48
C VAL B 73 28.26 -1.35 5.13
N ALA B 74 27.10 -0.86 4.68
CA ALA B 74 25.81 -1.32 5.19
C ALA B 74 25.58 -2.80 4.84
N PHE B 75 25.81 -3.14 3.57
CA PHE B 75 25.54 -4.47 3.06
C PHE B 75 26.48 -5.48 3.71
N LEU B 76 27.79 -5.18 3.65
CA LEU B 76 28.78 -6.11 4.21
C LEU B 76 28.78 -6.17 5.72
N GLY B 77 28.42 -5.06 6.36
CA GLY B 77 28.45 -5.05 7.81
C GLY B 77 27.34 -5.90 8.40
N ALA B 78 26.11 -5.80 7.85
CA ALA B 78 25.03 -6.71 8.22
C ALA B 78 25.49 -8.16 8.02
N ILE B 79 26.02 -8.49 6.82
CA ILE B 79 26.40 -9.87 6.55
C ILE B 79 27.50 -10.40 7.49
N TYR B 80 28.45 -9.54 7.79
CA TYR B 80 29.56 -9.89 8.71
C TYR B 80 28.95 -10.31 10.11
N ALA B 81 27.94 -9.60 10.52
CA ALA B 81 27.19 -9.89 11.80
C ALA B 81 26.22 -11.07 11.66
N GLY B 82 26.05 -11.62 10.45
CA GLY B 82 25.05 -12.63 10.24
C GLY B 82 23.60 -12.16 10.22
N ILE B 83 23.43 -10.87 9.99
CA ILE B 83 22.15 -10.22 9.85
C ILE B 83 21.91 -10.14 8.35
N VAL B 84 20.66 -10.30 7.93
CA VAL B 84 20.31 -10.39 6.52
C VAL B 84 19.83 -9.02 6.00
N PRO B 85 20.65 -8.32 5.21
CA PRO B 85 20.15 -7.10 4.62
C PRO B 85 19.23 -7.39 3.45
N VAL B 86 18.19 -6.56 3.29
CA VAL B 86 17.18 -6.72 2.31
C VAL B 86 17.38 -5.48 1.47
N ALA B 87 18.05 -5.64 0.35
CA ALA B 87 18.48 -4.50 -0.48
C ALA B 87 17.43 -4.17 -1.50
N VAL B 88 16.91 -2.94 -1.43
CA VAL B 88 15.71 -2.62 -2.26
C VAL B 88 15.89 -1.36 -3.13
N ASN B 89 15.11 -1.40 -4.19
CA ASN B 89 15.00 -0.30 -5.15
C ASN B 89 14.63 1.01 -4.45
N THR B 90 15.34 2.04 -4.84
CA THR B 90 15.21 3.37 -4.25
C THR B 90 14.14 4.28 -4.89
N LEU B 91 13.42 3.75 -5.87
CA LEU B 91 12.45 4.57 -6.65
C LEU B 91 11.00 4.19 -6.34
N LEU B 92 10.77 3.43 -5.27
CA LEU B 92 9.44 2.93 -5.00
C LEU B 92 8.63 3.91 -4.13
N THR B 93 7.38 3.57 -3.94
CA THR B 93 6.48 4.36 -3.09
C THR B 93 6.46 3.94 -1.67
N ALA B 94 5.87 4.80 -0.86
CA ALA B 94 5.63 4.43 0.56
C ALA B 94 4.84 3.15 0.74
N ASP B 95 3.84 2.95 -0.11
CA ASP B 95 3.08 1.69 -0.05
C ASP B 95 3.97 0.47 -0.31
N ASP B 96 4.87 0.60 -1.28
CA ASP B 96 5.78 -0.46 -1.62
C ASP B 96 6.69 -0.83 -0.43
N TYR B 97 7.29 0.21 0.18
CA TYR B 97 8.16 -0.01 1.31
C TYR B 97 7.42 -0.50 2.55
N ALA B 98 6.18 -0.07 2.70
CA ALA B 98 5.38 -0.57 3.81
C ALA B 98 5.25 -2.07 3.78
N TYR B 99 4.91 -2.61 2.60
CA TYR B 99 4.80 -4.03 2.43
C TYR B 99 6.17 -4.74 2.72
N MET B 100 7.25 -4.16 2.20
CA MET B 100 8.58 -4.75 2.41
C MET B 100 8.95 -4.82 3.87
N LEU B 101 8.64 -3.78 4.64
CA LEU B 101 8.98 -3.81 6.08
C LEU B 101 8.16 -4.89 6.79
N GLU B 102 6.91 -4.98 6.44
CA GLU B 102 6.00 -5.99 7.02
C GLU B 102 6.46 -7.40 6.67
N HIS B 103 6.64 -7.63 5.39
CA HIS B 103 7.00 -8.95 4.91
C HIS B 103 8.40 -9.42 5.41
N SER B 104 9.39 -8.53 5.41
CA SER B 104 10.72 -8.93 5.82
C SER B 104 10.86 -8.99 7.34
N ARG B 105 9.91 -8.38 8.06
CA ARG B 105 10.00 -8.12 9.51
C ARG B 105 11.29 -7.44 9.84
N ALA B 106 11.70 -6.47 9.02
CA ALA B 106 12.96 -5.79 9.25
C ALA B 106 13.00 -5.22 10.67
N GLN B 107 14.13 -5.40 11.36
CA GLN B 107 14.33 -4.92 12.70
C GLN B 107 14.96 -3.55 12.78
N ALA B 108 15.55 -3.14 11.68
CA ALA B 108 16.16 -1.83 11.54
C ALA B 108 16.18 -1.46 10.08
N VAL B 109 16.37 -0.16 9.82
CA VAL B 109 16.47 0.35 8.45
C VAL B 109 17.71 1.19 8.32
N LEU B 110 18.46 0.99 7.25
CA LEU B 110 19.59 1.81 6.87
C LEU B 110 19.13 2.56 5.64
N VAL B 111 19.01 3.88 5.73
CA VAL B 111 18.28 4.71 4.74
C VAL B 111 19.09 5.95 4.35
N SER B 112 19.12 6.26 3.06
CA SER B 112 19.71 7.53 2.61
C SER B 112 18.79 8.70 3.04
N GLY B 113 19.40 9.84 3.44
CA GLY B 113 18.60 11.01 3.80
C GLY B 113 17.57 11.40 2.76
N ALA B 114 17.90 11.32 1.47
CA ALA B 114 16.97 11.73 0.43
C ALA B 114 15.76 10.78 0.40
N LEU B 115 15.90 9.60 1.00
CA LEU B 115 14.84 8.56 0.97
C LEU B 115 14.09 8.54 2.33
N HIS B 116 14.45 9.42 3.24
CA HIS B 116 13.82 9.40 4.54
C HIS B 116 12.31 9.79 4.50
N PRO B 117 11.89 10.74 3.62
CA PRO B 117 10.46 11.06 3.60
C PRO B 117 9.58 9.85 3.19
N VAL B 118 9.96 9.15 2.12
CA VAL B 118 9.18 7.95 1.74
C VAL B 118 9.20 6.86 2.83
N LEU B 119 10.34 6.67 3.47
CA LEU B 119 10.44 5.72 4.53
C LEU B 119 9.54 6.10 5.67
N LYS B 120 9.58 7.38 6.08
CA LYS B 120 8.78 7.87 7.17
C LYS B 120 7.29 7.61 6.93
N ALA B 121 6.86 7.85 5.70
CA ALA B 121 5.48 7.48 5.34
C ALA B 121 5.22 5.98 5.45
N ALA B 122 6.17 5.17 5.05
CA ALA B 122 6.00 3.71 5.08
C ALA B 122 5.92 3.23 6.53
N LEU B 123 6.77 3.78 7.40
CA LEU B 123 6.74 3.43 8.81
C LEU B 123 5.42 3.80 9.49
N THR B 124 4.89 4.96 9.16
CA THR B 124 3.64 5.43 9.75
C THR B 124 2.49 4.53 9.37
N LYS B 125 2.47 4.03 8.16
CA LYS B 125 1.24 3.30 7.76
C LYS B 125 1.27 1.78 8.04
N SER B 126 2.42 1.24 8.31
CA SER B 126 2.63 -0.18 8.29
C SER B 126 2.65 -0.81 9.69
N ASP B 127 2.42 -2.11 9.73
CA ASP B 127 2.60 -2.86 10.99
C ASP B 127 4.00 -3.50 11.00
N HIS B 128 5.01 -2.69 11.25
CA HIS B 128 6.37 -3.06 11.05
C HIS B 128 6.93 -3.41 12.39
N GLU B 129 8.15 -3.90 12.38
CA GLU B 129 8.91 -4.17 13.64
C GLU B 129 10.21 -3.43 13.71
N VAL B 130 10.28 -2.26 13.07
CA VAL B 130 11.57 -1.51 13.04
C VAL B 130 11.80 -0.91 14.39
N GLN B 131 12.96 -1.21 14.99
CA GLN B 131 13.36 -0.65 16.29
C GLN B 131 14.17 0.62 16.10
N ARG B 132 15.02 0.69 15.04
CA ARG B 132 15.89 1.85 14.86
C ARG B 132 16.03 2.21 13.38
N VAL B 133 16.18 3.48 13.12
CA VAL B 133 16.46 3.99 11.75
C VAL B 133 17.85 4.65 11.74
N ILE B 134 18.75 4.13 10.90
CA ILE B 134 20.07 4.65 10.67
C ILE B 134 20.14 5.44 9.35
N VAL B 135 20.43 6.75 9.44
CA VAL B 135 20.27 7.61 8.26
C VAL B 135 21.65 8.02 7.74
N SER B 136 21.92 7.57 6.51
CA SER B 136 23.13 7.94 5.86
C SER B 136 22.88 9.24 5.12
N ARG B 137 23.72 10.23 5.42
CA ARG B 137 23.61 11.57 4.84
C ARG B 137 22.23 12.24 5.07
N PRO B 138 21.88 12.45 6.33
CA PRO B 138 20.60 13.08 6.61
C PRO B 138 20.34 14.40 5.94
N ALA B 139 19.12 14.60 5.45
CA ALA B 139 18.73 15.83 4.72
C ALA B 139 17.61 16.58 5.44
N ALA B 140 17.43 16.26 6.72
CA ALA B 140 16.43 16.88 7.58
C ALA B 140 16.75 16.44 9.04
N PRO B 141 16.14 17.10 10.02
CA PRO B 141 16.47 16.74 11.41
C PRO B 141 16.08 15.32 11.72
N LEU B 142 16.92 14.67 12.51
CA LEU B 142 16.65 13.30 12.96
C LEU B 142 15.52 13.29 13.93
N GLU B 143 14.68 12.26 13.78
CA GLU B 143 13.56 12.01 14.67
C GLU B 143 13.98 11.08 15.82
N PRO B 144 13.15 10.94 16.84
CA PRO B 144 13.57 10.07 17.95
C PRO B 144 13.90 8.68 17.57
N GLY B 145 15.01 8.17 18.05
CA GLY B 145 15.45 6.82 17.67
C GLY B 145 16.23 6.73 16.35
N GLU B 146 16.34 7.84 15.66
CA GLU B 146 17.14 7.85 14.47
C GLU B 146 18.53 8.24 14.82
N VAL B 147 19.50 7.73 14.05
CA VAL B 147 20.90 8.11 14.28
C VAL B 147 21.59 8.28 12.95
N ASP B 148 22.52 9.19 12.90
CA ASP B 148 23.35 9.35 11.72
C ASP B 148 24.26 8.15 11.51
N PHE B 149 24.38 7.74 10.25
CA PHE B 149 25.09 6.51 9.92
C PHE B 149 26.56 6.62 10.33
N ALA B 150 27.21 7.76 10.08
CA ALA B 150 28.66 7.91 10.45
C ALA B 150 28.84 7.89 11.99
N GLU B 151 27.91 8.52 12.72
CA GLU B 151 27.92 8.44 14.18
C GLU B 151 27.73 7.04 14.69
N PHE B 152 26.78 6.29 14.11
CA PHE B 152 26.46 4.94 14.57
C PHE B 152 27.64 3.99 14.40
N VAL B 153 28.27 4.09 13.23
CA VAL B 153 29.45 3.31 12.92
C VAL B 153 30.60 3.79 13.86
N GLY B 154 30.78 5.09 13.98
CA GLY B 154 31.88 5.68 14.81
C GLY B 154 31.74 5.32 16.28
N ALA B 155 30.57 4.88 16.71
CA ALA B 155 30.30 4.69 18.14
C ALA B 155 30.65 3.32 18.60
N HIS B 156 31.13 2.44 17.70
CA HIS B 156 31.35 1.10 18.07
C HIS B 156 32.67 0.62 17.60
N ALA B 157 33.36 -0.14 18.46
CA ALA B 157 34.59 -0.79 18.09
C ALA B 157 34.33 -1.96 17.09
N PRO B 158 35.34 -2.36 16.30
CA PRO B 158 35.00 -3.45 15.34
C PRO B 158 34.62 -4.77 15.95
N LEU B 159 33.60 -5.46 15.45
CA LEU B 159 33.37 -6.83 15.89
C LEU B 159 34.62 -7.70 15.57
N GLU B 160 35.05 -8.57 16.52
CA GLU B 160 36.32 -9.31 16.41
C GLU B 160 36.26 -10.39 15.33
N LYS B 161 35.12 -11.06 15.26
CA LYS B 161 34.91 -12.13 14.37
C LYS B 161 33.54 -11.97 13.68
N PRO B 162 33.43 -12.49 12.48
CA PRO B 162 32.08 -12.58 11.87
C PRO B 162 31.22 -13.61 12.55
N ALA B 163 29.94 -13.52 12.34
CA ALA B 163 29.11 -14.62 12.70
C ALA B 163 29.58 -15.90 12.05
N ALA B 164 29.35 -17.00 12.77
CA ALA B 164 29.80 -18.32 12.35
C ALA B 164 28.80 -18.93 11.39
N THR B 165 28.55 -18.23 10.27
CA THR B 165 27.57 -18.70 9.24
C THR B 165 28.10 -19.89 8.40
N GLN B 166 27.19 -20.59 7.74
CA GLN B 166 27.49 -21.65 6.85
C GLN B 166 27.30 -21.08 5.42
N ALA B 167 28.06 -21.59 4.46
CA ALA B 167 27.90 -21.26 3.05
C ALA B 167 26.45 -21.29 2.58
N ASP B 168 25.65 -22.22 3.08
CA ASP B 168 24.32 -22.35 2.63
C ASP B 168 23.28 -21.62 3.49
N ASP B 169 23.70 -20.81 4.45
CA ASP B 169 22.79 -20.02 5.23
C ASP B 169 22.36 -18.81 4.41
N PRO B 170 21.16 -18.31 4.68
CA PRO B 170 20.73 -17.02 4.03
C PRO B 170 21.66 -15.91 4.37
N ALA B 171 21.97 -15.05 3.38
CA ALA B 171 22.90 -13.95 3.55
C ALA B 171 22.25 -12.64 3.31
N PHE B 172 21.40 -12.59 2.29
CA PHE B 172 20.67 -11.34 1.92
C PHE B 172 19.48 -11.62 1.04
N TRP B 173 18.62 -10.64 0.90
CA TRP B 173 17.44 -10.77 0.06
C TRP B 173 17.41 -9.63 -0.96
N LEU B 174 16.82 -9.88 -2.13
CA LEU B 174 16.39 -8.87 -3.09
C LEU B 174 14.92 -9.14 -3.36
N TYR B 175 14.17 -8.14 -3.79
CA TYR B 175 12.74 -8.27 -4.14
C TYR B 175 12.58 -8.36 -5.64
N SER B 176 11.69 -9.25 -6.10
CA SER B 176 11.46 -9.47 -7.50
C SER B 176 9.97 -9.36 -7.78
N SER B 177 9.58 -8.45 -8.66
CA SER B 177 8.19 -8.23 -9.10
C SER B 177 7.72 -9.27 -10.06
N GLY B 178 6.46 -9.68 -9.96
CA GLY B 178 5.79 -10.58 -10.91
C GLY B 178 4.61 -9.85 -11.57
N SER B 179 3.83 -10.53 -12.40
CA SER B 179 2.82 -9.79 -13.18
C SER B 179 1.66 -9.35 -12.26
N THR B 180 1.39 -10.16 -11.22
CA THR B 180 0.40 -9.81 -10.21
C THR B 180 0.95 -10.21 -8.83
N GLY B 181 0.34 -9.69 -7.78
CA GLY B 181 0.73 -10.11 -6.48
C GLY B 181 1.88 -9.31 -5.93
N ARG B 182 2.21 -9.61 -4.69
CA ARG B 182 3.28 -8.84 -4.05
C ARG B 182 4.67 -9.15 -4.64
N PRO B 183 5.59 -8.20 -4.49
CA PRO B 183 6.97 -8.59 -4.88
C PRO B 183 7.47 -9.77 -3.99
N LYS B 184 8.33 -10.62 -4.56
CA LYS B 184 8.74 -11.82 -3.91
C LYS B 184 10.09 -11.61 -3.26
N GLY B 185 10.25 -12.11 -2.05
CA GLY B 185 11.51 -11.94 -1.33
C GLY B 185 12.49 -13.06 -1.71
N VAL B 186 13.45 -12.74 -2.58
CA VAL B 186 14.37 -13.71 -3.14
C VAL B 186 15.52 -13.91 -2.16
N VAL B 187 15.61 -15.11 -1.58
CA VAL B 187 16.64 -15.41 -0.58
C VAL B 187 17.92 -15.99 -1.13
N HIS B 188 19.01 -15.25 -0.95
CA HIS B 188 20.35 -15.67 -1.39
C HIS B 188 21.25 -16.10 -0.23
N THR B 189 22.09 -17.09 -0.47
CA THR B 189 22.96 -17.63 0.57
C THR B 189 24.38 -16.95 0.52
N HIS B 190 25.21 -17.21 1.51
CA HIS B 190 26.59 -16.78 1.49
C HIS B 190 27.34 -17.29 0.28
N ALA B 191 27.06 -18.52 -0.12
CA ALA B 191 27.78 -19.10 -1.28
C ALA B 191 27.43 -18.39 -2.59
N ASN B 192 26.22 -17.92 -2.73
CA ASN B 192 25.74 -17.53 -4.07
C ASN B 192 26.58 -16.42 -4.75
N PRO B 193 26.90 -15.33 -4.05
CA PRO B 193 27.74 -14.28 -4.65
C PRO B 193 29.21 -14.67 -4.81
N TYR B 194 29.68 -15.69 -4.06
CA TYR B 194 31.00 -16.26 -4.33
C TYR B 194 30.97 -16.91 -5.74
N TRP B 195 29.96 -17.68 -5.99
CA TRP B 195 29.83 -18.32 -7.32
C TRP B 195 29.72 -17.35 -8.48
N THR B 196 28.89 -16.34 -8.38
CA THR B 196 28.73 -15.38 -9.48
C THR B 196 30.08 -14.68 -9.70
N SER B 197 30.73 -14.27 -8.60
CA SER B 197 31.89 -13.43 -8.73
C SER B 197 33.05 -14.23 -9.32
N GLU B 198 33.10 -15.52 -9.00
CA GLU B 198 34.13 -16.46 -9.58
C GLU B 198 33.79 -16.86 -11.00
N LEU B 199 32.59 -17.35 -11.21
CA LEU B 199 32.23 -17.89 -12.49
C LEU B 199 32.04 -16.80 -13.59
N TYR B 200 31.54 -15.65 -13.20
CA TYR B 200 31.26 -14.59 -14.15
C TYR B 200 32.29 -13.44 -14.07
N GLY B 201 32.33 -12.80 -12.89
CA GLY B 201 33.24 -11.71 -12.63
C GLY B 201 34.66 -12.02 -13.05
N ARG B 202 35.21 -13.06 -12.41
CA ARG B 202 36.62 -13.41 -12.69
C ARG B 202 36.72 -14.19 -14.00
N ASN B 203 35.99 -15.30 -14.13
CA ASN B 203 36.32 -16.28 -15.17
C ASN B 203 35.70 -16.00 -16.51
N THR B 204 34.67 -15.15 -16.59
CA THR B 204 34.13 -14.73 -17.89
C THR B 204 34.56 -13.32 -18.31
N LEU B 205 34.32 -12.34 -17.43
CA LEU B 205 34.77 -10.96 -17.69
C LEU B 205 36.27 -10.73 -17.53
N HIS B 206 36.96 -11.60 -16.78
CA HIS B 206 38.40 -11.37 -16.43
C HIS B 206 38.64 -10.04 -15.83
N LEU B 207 37.80 -9.68 -14.88
CA LEU B 207 38.10 -8.52 -14.07
C LEU B 207 39.42 -8.70 -13.32
N ARG B 208 40.10 -7.60 -13.07
CA ARG B 208 41.46 -7.69 -12.46
C ARG B 208 41.66 -6.51 -11.50
N GLU B 209 42.69 -6.62 -10.68
CA GLU B 209 42.99 -5.65 -9.65
C GLU B 209 43.11 -4.24 -10.17
N ASP B 210 43.70 -4.02 -11.32
CA ASP B 210 43.89 -2.66 -11.80
C ASP B 210 42.67 -2.01 -12.49
N ASP B 211 41.56 -2.73 -12.56
CA ASP B 211 40.36 -2.14 -13.13
C ASP B 211 39.74 -1.09 -12.20
N VAL B 212 39.04 -0.18 -12.82
CA VAL B 212 38.12 0.74 -12.18
C VAL B 212 36.71 0.44 -12.73
N CYS B 213 35.84 -0.09 -11.87
CA CYS B 213 34.51 -0.56 -12.32
C CYS B 213 33.50 0.57 -12.10
N PHE B 214 32.55 0.75 -13.01
CA PHE B 214 31.50 1.77 -12.85
C PHE B 214 30.26 1.20 -13.51
N SER B 215 29.21 1.05 -12.72
CA SER B 215 27.96 0.44 -13.18
C SER B 215 26.83 1.50 -13.14
N ALA B 216 26.20 1.72 -14.29
CA ALA B 216 25.03 2.59 -14.32
C ALA B 216 23.88 1.93 -13.50
N ALA B 217 23.88 0.58 -13.48
CA ALA B 217 22.97 -0.20 -12.70
C ALA B 217 23.35 -0.06 -11.23
N LYS B 218 22.43 0.45 -10.46
CA LYS B 218 22.60 0.62 -9.07
C LYS B 218 22.84 -0.66 -8.29
N LEU B 219 23.37 -0.50 -7.09
CA LEU B 219 23.74 -1.66 -6.26
C LEU B 219 22.57 -2.52 -5.81
N PHE B 220 21.37 -1.97 -5.67
CA PHE B 220 20.24 -2.80 -5.32
C PHE B 220 19.79 -3.77 -6.43
N PHE B 221 20.16 -3.50 -7.68
CA PHE B 221 19.90 -4.44 -8.74
C PHE B 221 20.85 -5.64 -8.59
N ALA B 222 20.36 -6.87 -8.70
CA ALA B 222 21.33 -7.95 -8.69
C ALA B 222 22.50 -7.73 -9.69
N TYR B 223 22.19 -7.23 -10.91
CA TYR B 223 23.20 -6.95 -11.93
C TYR B 223 24.29 -5.97 -11.34
N GLY B 224 23.83 -4.91 -10.70
CA GLY B 224 24.74 -3.90 -10.16
C GLY B 224 25.47 -4.39 -8.93
N LEU B 225 24.76 -5.17 -8.11
CA LEU B 225 25.40 -5.72 -6.91
C LEU B 225 26.65 -6.53 -7.25
N GLY B 226 26.58 -7.32 -8.33
CA GLY B 226 27.76 -8.01 -8.80
C GLY B 226 28.74 -7.03 -9.42
N ASN B 227 28.29 -6.24 -10.36
CA ASN B 227 29.14 -5.35 -11.13
C ASN B 227 30.03 -4.46 -10.30
N ALA B 228 29.46 -3.87 -9.23
CA ALA B 228 30.02 -2.74 -8.53
C ALA B 228 30.25 -3.11 -7.07
N LEU B 229 30.11 -4.37 -6.70
CA LEU B 229 30.43 -4.75 -5.30
C LEU B 229 31.10 -6.10 -5.28
N THR B 230 30.38 -7.17 -5.55
CA THR B 230 30.94 -8.49 -5.31
C THR B 230 32.07 -8.82 -6.29
N PHE B 231 31.91 -8.46 -7.58
CA PHE B 231 32.95 -8.68 -8.58
C PHE B 231 34.20 -7.89 -8.26
N PRO B 232 34.13 -6.55 -8.17
CA PRO B 232 35.39 -5.86 -7.94
C PRO B 232 36.11 -6.22 -6.61
N MET B 233 35.35 -6.46 -5.54
CA MET B 233 36.01 -6.82 -4.29
CA MET B 233 35.95 -6.87 -4.25
C MET B 233 36.65 -8.21 -4.37
N THR B 234 36.14 -9.07 -5.20
CA THR B 234 36.71 -10.42 -5.39
C THR B 234 38.12 -10.34 -6.02
N VAL B 235 38.41 -9.33 -6.84
CA VAL B 235 39.69 -9.25 -7.55
C VAL B 235 40.54 -8.10 -7.08
N GLY B 236 39.99 -7.28 -6.17
CA GLY B 236 40.63 -6.09 -5.76
C GLY B 236 40.55 -4.86 -6.61
N ALA B 237 39.62 -4.80 -7.57
CA ALA B 237 39.46 -3.65 -8.37
C ALA B 237 38.91 -2.46 -7.59
N THR B 238 39.12 -1.27 -8.13
CA THR B 238 38.51 -0.03 -7.55
C THR B 238 37.15 0.26 -8.19
N THR B 239 36.16 0.64 -7.39
CA THR B 239 34.83 0.89 -7.88
C THR B 239 34.44 2.36 -7.67
N LEU B 240 33.93 2.97 -8.76
CA LEU B 240 33.33 4.26 -8.80
C LEU B 240 31.80 4.11 -8.59
N LEU B 241 31.28 4.79 -7.58
CA LEU B 241 29.87 4.79 -7.30
C LEU B 241 29.30 6.18 -7.60
N MET B 242 28.06 6.20 -8.06
CA MET B 242 27.38 7.44 -8.36
C MET B 242 25.93 7.42 -7.80
N GLY B 243 25.61 8.38 -6.92
CA GLY B 243 24.21 8.42 -6.38
C GLY B 243 23.12 8.88 -7.31
N GLU B 244 23.46 9.82 -8.16
CA GLU B 244 22.49 10.43 -9.00
C GLU B 244 21.96 9.53 -10.11
N ARG B 245 20.87 9.99 -10.69
CA ARG B 245 20.31 9.32 -11.86
C ARG B 245 21.27 9.19 -13.03
N PRO B 246 21.44 8.00 -13.60
CA PRO B 246 22.36 7.92 -14.76
C PRO B 246 21.69 8.57 -15.98
N THR B 247 22.42 9.46 -16.61
CA THR B 247 22.10 10.06 -17.86
C THR B 247 23.37 10.00 -18.68
N PRO B 248 23.27 10.25 -20.00
CA PRO B 248 24.51 10.34 -20.80
C PRO B 248 25.53 11.32 -20.24
N ASP B 249 25.09 12.54 -19.88
CA ASP B 249 26.07 13.51 -19.34
C ASP B 249 26.73 13.00 -18.04
N ALA B 250 25.95 12.39 -17.14
CA ALA B 250 26.48 11.97 -15.88
C ALA B 250 27.51 10.86 -16.10
N VAL B 251 27.19 9.95 -17.04
CA VAL B 251 28.09 8.84 -17.30
C VAL B 251 29.37 9.31 -17.98
N PHE B 252 29.25 10.22 -18.94
CA PHE B 252 30.39 10.71 -19.73
C PHE B 252 31.36 11.45 -18.82
N LYS B 253 30.82 12.19 -17.88
CA LYS B 253 31.63 12.94 -16.95
C LYS B 253 32.52 11.97 -16.19
N ARG B 254 31.96 10.83 -15.81
CA ARG B 254 32.75 9.82 -15.10
C ARG B 254 33.71 9.04 -15.98
N TRP B 255 33.27 8.69 -17.17
CA TRP B 255 34.16 8.09 -18.14
C TRP B 255 35.47 8.88 -18.36
N LEU B 256 35.27 10.20 -18.46
CA LEU B 256 36.33 11.15 -18.69
C LEU B 256 37.15 11.46 -17.44
N GLY B 257 36.84 10.93 -16.27
CA GLY B 257 37.70 11.06 -15.09
C GLY B 257 37.33 12.26 -14.26
N GLY B 258 36.10 12.69 -14.39
CA GLY B 258 35.59 13.77 -13.59
C GLY B 258 35.40 13.53 -12.10
N VAL B 259 35.35 12.29 -11.66
CA VAL B 259 35.22 11.96 -10.25
C VAL B 259 36.33 11.12 -9.72
N GLY B 260 36.79 11.50 -8.54
CA GLY B 260 37.70 10.65 -7.82
C GLY B 260 39.09 10.51 -8.37
N GLY B 261 39.43 11.24 -9.41
CA GLY B 261 40.72 11.07 -10.10
C GLY B 261 40.87 9.78 -10.88
N VAL B 262 39.74 9.13 -11.23
CA VAL B 262 39.83 7.81 -11.84
C VAL B 262 39.00 7.75 -13.08
N LYS B 263 39.52 7.04 -14.09
CA LYS B 263 38.77 6.75 -15.27
C LYS B 263 38.35 5.30 -15.26
N PRO B 264 37.05 5.02 -15.41
CA PRO B 264 36.60 3.66 -15.49
C PRO B 264 37.24 2.93 -16.62
N THR B 265 37.61 1.68 -16.34
CA THR B 265 37.99 0.75 -17.37
C THR B 265 36.92 -0.27 -17.72
N VAL B 266 35.97 -0.49 -16.84
CA VAL B 266 34.86 -1.45 -17.04
C VAL B 266 33.58 -0.68 -16.74
N PHE B 267 32.69 -0.64 -17.72
CA PHE B 267 31.39 -0.03 -17.59
C PHE B 267 30.33 -1.06 -17.79
N TYR B 268 29.24 -0.92 -17.04
CA TYR B 268 28.09 -1.79 -17.14
C TYR B 268 26.83 -0.98 -17.19
N GLY B 269 25.92 -1.39 -18.02
CA GLY B 269 24.63 -0.71 -18.14
C GLY B 269 23.61 -1.43 -19.02
N ALA B 270 22.43 -0.80 -19.25
CA ALA B 270 21.38 -1.41 -20.02
C ALA B 270 21.44 -0.94 -21.47
N PRO B 271 20.92 -1.76 -22.40
CA PRO B 271 20.91 -1.36 -23.82
C PRO B 271 20.27 0.04 -24.04
N THR B 272 19.20 0.35 -23.28
CA THR B 272 18.59 1.68 -23.30
C THR B 272 19.59 2.79 -23.04
N GLY B 273 20.44 2.60 -22.06
CA GLY B 273 21.49 3.58 -21.74
C GLY B 273 22.57 3.66 -22.87
N TYR B 274 22.97 2.54 -23.39
CA TYR B 274 23.92 2.57 -24.52
C TYR B 274 23.32 3.30 -25.74
N ALA B 275 22.05 3.07 -26.05
CA ALA B 275 21.45 3.75 -27.20
C ALA B 275 21.39 5.25 -26.98
N GLY B 276 21.01 5.64 -25.78
CA GLY B 276 20.89 7.03 -25.44
C GLY B 276 22.25 7.71 -25.52
N MET B 277 23.31 7.04 -25.03
CA MET B 277 24.62 7.59 -25.14
C MET B 277 25.11 7.70 -26.59
N LEU B 278 24.84 6.70 -27.42
CA LEU B 278 25.32 6.70 -28.81
C LEU B 278 24.66 7.83 -29.57
N ALA B 279 23.44 8.24 -29.18
CA ALA B 279 22.67 9.34 -29.86
C ALA B 279 23.14 10.73 -29.41
N ALA B 280 23.84 10.79 -28.29
CA ALA B 280 24.14 12.03 -27.60
C ALA B 280 25.18 12.85 -28.38
N PRO B 281 24.91 14.15 -28.58
CA PRO B 281 25.90 14.87 -29.43
C PRO B 281 27.26 15.01 -28.79
N ASN B 282 27.33 14.93 -27.47
CA ASN B 282 28.63 14.95 -26.77
C ASN B 282 29.23 13.55 -26.42
N LEU B 283 28.81 12.52 -27.13
CA LEU B 283 29.45 11.24 -27.05
C LEU B 283 30.96 11.40 -27.13
N PRO B 284 31.70 10.88 -26.13
CA PRO B 284 33.14 11.02 -26.22
C PRO B 284 33.77 10.18 -27.34
N SER B 285 35.01 10.54 -27.77
CA SER B 285 35.78 9.70 -28.69
C SER B 285 36.58 8.70 -27.94
N ARG B 286 37.01 7.62 -28.61
CA ARG B 286 37.73 6.54 -27.88
C ARG B 286 38.99 6.94 -27.25
N ASP B 287 39.66 7.94 -27.78
CA ASP B 287 40.96 8.39 -27.19
C ASP B 287 40.73 9.16 -25.90
N GLN B 288 39.49 9.54 -25.60
CA GLN B 288 39.17 10.27 -24.40
C GLN B 288 38.85 9.39 -23.17
N VAL B 289 38.63 8.10 -23.43
CA VAL B 289 38.16 7.18 -22.36
C VAL B 289 39.15 6.09 -22.15
N ALA B 290 39.04 5.39 -21.00
CA ALA B 290 39.89 4.26 -20.67
C ALA B 290 39.17 2.93 -20.65
N LEU B 291 37.99 2.90 -21.23
CA LEU B 291 37.17 1.74 -21.25
C LEU B 291 37.88 0.56 -21.97
N ARG B 292 37.95 -0.58 -21.32
CA ARG B 292 38.45 -1.78 -21.98
C ARG B 292 37.36 -2.82 -22.12
N LEU B 293 36.24 -2.63 -21.41
CA LEU B 293 35.18 -3.66 -21.40
C LEU B 293 33.86 -2.97 -21.12
N ALA B 294 32.82 -3.30 -21.90
CA ALA B 294 31.51 -2.68 -21.80
C ALA B 294 30.49 -3.81 -21.68
N SER B 295 29.90 -3.96 -20.50
CA SER B 295 28.95 -5.06 -20.22
C SER B 295 27.57 -4.50 -20.37
N SER B 296 26.65 -5.33 -20.84
CA SER B 296 25.26 -4.98 -20.94
C SER B 296 24.38 -6.11 -20.45
N ALA B 297 23.34 -5.71 -19.75
CA ALA B 297 22.23 -6.59 -19.33
C ALA B 297 21.01 -5.74 -19.05
N GLY B 298 19.85 -6.39 -18.96
CA GLY B 298 18.65 -5.73 -18.57
C GLY B 298 17.55 -5.77 -19.60
N GLU B 299 17.88 -6.13 -20.82
CA GLU B 299 16.95 -6.35 -21.90
C GLU B 299 17.82 -6.88 -23.05
N ALA B 300 17.20 -7.44 -24.09
CA ALA B 300 17.97 -7.95 -25.21
C ALA B 300 18.62 -6.74 -25.90
N LEU B 301 19.89 -6.89 -26.25
CA LEU B 301 20.65 -5.84 -26.94
C LEU B 301 20.34 -5.90 -28.44
N PRO B 302 19.61 -4.90 -28.97
CA PRO B 302 19.54 -4.82 -30.42
C PRO B 302 20.91 -4.81 -31.08
N ALA B 303 21.03 -5.67 -32.08
CA ALA B 303 22.24 -5.78 -32.82
C ALA B 303 22.83 -4.48 -33.31
N GLU B 304 21.99 -3.57 -33.81
CA GLU B 304 22.42 -2.27 -34.30
C GLU B 304 23.10 -1.43 -33.24
N ILE B 305 22.63 -1.55 -32.00
CA ILE B 305 23.26 -0.77 -30.91
C ILE B 305 24.70 -1.26 -30.66
N GLY B 306 24.89 -2.56 -30.56
CA GLY B 306 26.26 -3.06 -30.34
C GLY B 306 27.15 -2.76 -31.51
N GLN B 307 26.64 -2.94 -32.73
CA GLN B 307 27.39 -2.65 -33.95
C GLN B 307 27.84 -1.22 -33.98
N ARG B 308 26.93 -0.28 -33.66
CA ARG B 308 27.24 1.14 -33.57
C ARG B 308 28.28 1.48 -32.54
N PHE B 309 28.14 0.87 -31.35
CA PHE B 309 29.12 1.02 -30.31
C PHE B 309 30.50 0.61 -30.76
N GLN B 310 30.58 -0.55 -31.40
CA GLN B 310 31.81 -1.11 -31.85
C GLN B 310 32.42 -0.21 -32.91
N ARG B 311 31.58 0.28 -33.84
CA ARG B 311 32.07 1.21 -34.89
C ARG B 311 32.71 2.45 -34.30
N HIS B 312 32.10 2.99 -33.27
CA HIS B 312 32.55 4.19 -32.67
C HIS B 312 33.74 4.01 -31.78
N PHE B 313 33.70 3.04 -30.87
CA PHE B 313 34.72 2.86 -29.90
C PHE B 313 35.79 1.84 -30.21
N GLY B 314 35.54 0.94 -31.18
CA GLY B 314 36.42 -0.22 -31.38
C GLY B 314 36.43 -1.15 -30.19
N LEU B 315 35.30 -1.17 -29.49
CA LEU B 315 35.02 -2.03 -28.35
C LEU B 315 33.60 -2.63 -28.56
N ASP B 316 33.40 -3.93 -28.32
CA ASP B 316 32.08 -4.50 -28.39
C ASP B 316 31.34 -4.23 -27.11
N ILE B 317 30.03 -4.39 -27.15
CA ILE B 317 29.24 -4.42 -25.94
C ILE B 317 29.06 -5.96 -25.71
N VAL B 318 29.36 -6.39 -24.51
CA VAL B 318 29.24 -7.74 -24.09
C VAL B 318 27.94 -7.98 -23.31
N ASP B 319 26.95 -8.49 -24.03
CA ASP B 319 25.60 -8.68 -23.54
C ASP B 319 25.42 -10.10 -22.96
N GLY B 320 24.86 -10.18 -21.79
CA GLY B 320 24.46 -11.43 -21.19
C GLY B 320 23.17 -11.31 -20.37
N ILE B 321 22.62 -12.44 -19.97
CA ILE B 321 21.41 -12.43 -19.19
C ILE B 321 21.57 -13.15 -17.87
N GLY B 322 21.09 -12.50 -16.82
CA GLY B 322 20.97 -13.07 -15.49
C GLY B 322 19.56 -12.86 -14.98
N SER B 323 19.33 -13.16 -13.71
CA SER B 323 18.02 -12.89 -13.09
C SER B 323 18.23 -12.61 -11.63
N THR B 324 17.24 -12.00 -10.99
CA THR B 324 17.29 -11.92 -9.55
C THR B 324 17.49 -13.26 -8.86
N GLU B 325 16.75 -14.27 -9.35
CA GLU B 325 16.72 -15.54 -8.71
C GLU B 325 18.07 -16.24 -8.94
N MET B 326 18.74 -16.02 -10.09
CA MET B 326 20.08 -16.66 -10.34
C MET B 326 21.25 -15.81 -9.89
N LEU B 327 20.94 -14.63 -9.35
CA LEU B 327 21.91 -13.64 -8.79
C LEU B 327 22.75 -12.86 -9.81
N HIS B 328 23.26 -13.53 -10.83
CA HIS B 328 23.95 -12.86 -11.93
C HIS B 328 23.85 -13.68 -13.24
N ILE B 329 24.72 -13.35 -14.16
CA ILE B 329 24.59 -13.76 -15.53
C ILE B 329 25.00 -15.23 -15.69
N PHE B 330 24.18 -15.98 -16.42
CA PHE B 330 24.40 -17.40 -16.65
C PHE B 330 24.46 -17.77 -18.16
N LEU B 331 24.18 -16.80 -19.05
CA LEU B 331 24.20 -16.93 -20.48
C LEU B 331 24.76 -15.63 -21.02
N SER B 332 25.88 -15.71 -21.73
CA SER B 332 26.65 -14.54 -22.04
C SER B 332 27.51 -14.64 -23.28
N ASN B 333 27.61 -13.51 -23.98
CA ASN B 333 28.68 -13.29 -24.90
C ASN B 333 29.96 -13.18 -24.08
N LEU B 334 31.10 -13.36 -24.75
CA LEU B 334 32.41 -13.24 -24.12
C LEU B 334 33.06 -11.96 -24.54
N PRO B 335 33.99 -11.46 -23.72
CA PRO B 335 34.70 -10.23 -24.08
C PRO B 335 35.36 -10.29 -25.47
N ASP B 336 35.85 -11.45 -25.88
CA ASP B 336 36.40 -11.61 -27.20
C ASP B 336 35.60 -12.48 -28.17
N ARG B 337 34.36 -12.78 -27.83
CA ARG B 337 33.46 -13.52 -28.74
C ARG B 337 32.04 -13.05 -28.58
N VAL B 338 31.66 -12.13 -29.44
CA VAL B 338 30.42 -11.52 -29.36
C VAL B 338 29.62 -11.89 -30.62
N ARG B 339 28.36 -12.30 -30.46
CA ARG B 339 27.45 -12.42 -31.60
C ARG B 339 26.16 -11.61 -31.34
N TYR B 340 26.12 -10.42 -31.92
CA TYR B 340 25.00 -9.53 -31.81
C TYR B 340 23.74 -10.18 -32.39
N GLY B 341 22.65 -9.88 -31.72
CA GLY B 341 21.36 -10.56 -31.90
C GLY B 341 21.23 -11.81 -31.01
N THR B 342 22.25 -12.14 -30.24
CA THR B 342 22.15 -13.27 -29.35
C THR B 342 22.73 -12.85 -27.97
N THR B 343 22.41 -13.66 -26.95
CA THR B 343 22.96 -13.48 -25.63
CA THR B 343 22.92 -13.52 -25.62
C THR B 343 24.09 -14.47 -25.43
N GLY B 344 24.69 -14.92 -26.53
CA GLY B 344 25.82 -15.81 -26.39
C GLY B 344 25.59 -17.21 -25.84
N TRP B 345 26.51 -17.68 -24.98
CA TRP B 345 26.62 -19.10 -24.65
C TRP B 345 26.52 -19.33 -23.15
N PRO B 346 26.14 -20.56 -22.70
CA PRO B 346 26.12 -20.83 -21.32
C PRO B 346 27.37 -20.45 -20.62
N VAL B 347 27.27 -19.80 -19.47
CA VAL B 347 28.48 -19.53 -18.68
C VAL B 347 28.95 -20.85 -17.99
N PRO B 348 30.24 -21.22 -18.13
CA PRO B 348 30.73 -22.44 -17.53
C PRO B 348 30.42 -22.44 -16.05
N GLY B 349 29.86 -23.55 -15.60
CA GLY B 349 29.27 -23.66 -14.26
C GLY B 349 27.80 -23.64 -14.19
N TYR B 350 27.12 -23.18 -15.26
CA TYR B 350 25.68 -23.16 -15.30
C TYR B 350 25.24 -24.09 -16.39
N GLN B 351 24.18 -24.84 -16.15
CA GLN B 351 23.59 -25.60 -17.22
C GLN B 351 22.27 -25.00 -17.54
N ILE B 352 21.97 -25.02 -18.80
CA ILE B 352 20.80 -24.41 -19.36
C ILE B 352 19.95 -25.47 -20.10
N GLU B 353 18.62 -25.39 -19.94
CA GLU B 353 17.68 -26.20 -20.68
C GLU B 353 16.56 -25.39 -21.25
N LEU B 354 16.18 -25.67 -22.51
CA LEU B 354 14.97 -25.16 -23.09
C LEU B 354 13.90 -26.29 -23.08
N ARG B 355 12.69 -25.97 -22.64
CA ARG B 355 11.61 -26.99 -22.53
C ARG B 355 10.35 -26.52 -23.23
N GLY B 356 9.72 -27.42 -23.98
CA GLY B 356 8.52 -27.09 -24.72
C GLY B 356 7.32 -27.39 -23.85
N ASP B 357 6.15 -27.31 -24.48
CA ASP B 357 4.86 -27.49 -23.76
C ASP B 357 4.76 -28.72 -22.87
N GLY B 358 5.35 -29.82 -23.30
CA GLY B 358 5.25 -31.05 -22.54
C GLY B 358 6.24 -31.20 -21.42
N GLY B 359 7.17 -30.24 -21.25
CA GLY B 359 8.28 -30.50 -20.40
C GLY B 359 9.47 -31.10 -21.12
N GLY B 360 9.34 -31.43 -22.39
CA GLY B 360 10.42 -32.07 -23.12
C GLY B 360 11.26 -31.11 -23.94
N PRO B 361 12.19 -31.66 -24.72
CA PRO B 361 13.19 -30.83 -25.38
C PRO B 361 12.62 -30.17 -26.60
N VAL B 362 13.31 -29.13 -27.12
CA VAL B 362 12.85 -28.44 -28.29
C VAL B 362 13.94 -28.54 -29.30
N ALA B 363 13.57 -28.50 -30.56
CA ALA B 363 14.56 -28.54 -31.63
C ALA B 363 15.29 -27.20 -31.70
N ASP B 364 16.53 -27.19 -32.18
CA ASP B 364 17.29 -25.93 -32.37
C ASP B 364 16.55 -25.07 -33.38
N GLY B 365 16.43 -23.75 -33.10
CA GLY B 365 15.66 -22.84 -33.91
C GLY B 365 14.26 -22.64 -33.39
N GLU B 366 13.76 -23.52 -32.50
CA GLU B 366 12.45 -23.37 -31.94
C GLU B 366 12.53 -22.89 -30.52
N PRO B 367 11.56 -22.09 -30.12
CA PRO B 367 11.49 -21.50 -28.79
C PRO B 367 11.09 -22.51 -27.74
N GLY B 368 11.72 -22.42 -26.57
CA GLY B 368 11.33 -23.13 -25.42
C GLY B 368 11.49 -22.31 -24.16
N ASP B 369 10.86 -22.75 -23.09
CA ASP B 369 11.00 -22.14 -21.82
C ASP B 369 12.42 -22.39 -21.22
N LEU B 370 13.04 -21.32 -20.73
CA LEU B 370 14.41 -21.40 -20.25
C LEU B 370 14.42 -21.79 -18.73
N TYR B 371 15.23 -22.83 -18.42
CA TYR B 371 15.49 -23.30 -17.05
C TYR B 371 16.98 -23.34 -16.82
N ILE B 372 17.40 -22.94 -15.63
CA ILE B 372 18.82 -22.85 -15.29
C ILE B 372 19.14 -23.73 -14.12
N HIS B 373 20.29 -24.39 -14.22
CA HIS B 373 20.82 -25.17 -13.09
C HIS B 373 22.19 -24.62 -12.80
N GLY B 374 22.33 -23.92 -11.68
CA GLY B 374 23.65 -23.50 -11.28
C GLY B 374 23.78 -23.18 -9.84
N PRO B 375 25.01 -22.91 -9.39
CA PRO B 375 25.27 -22.86 -7.99
C PRO B 375 24.91 -21.56 -7.24
N SER B 376 24.37 -20.57 -7.98
CA SER B 376 24.01 -19.28 -7.44
C SER B 376 22.51 -19.10 -7.25
N SER B 377 21.74 -20.15 -7.47
CA SER B 377 20.33 -20.05 -7.33
C SER B 377 19.85 -19.66 -5.91
N ALA B 378 18.88 -18.76 -5.84
CA ALA B 378 18.16 -18.44 -4.58
C ALA B 378 17.53 -19.74 -4.06
N THR B 379 17.27 -19.81 -2.77
CA THR B 379 16.63 -20.97 -2.20
C THR B 379 15.14 -21.00 -2.22
N MET B 380 14.51 -19.85 -2.28
CA MET B 380 13.08 -19.77 -2.08
C MET B 380 12.71 -18.34 -2.26
N TYR B 381 11.41 -18.12 -2.36
CA TYR B 381 10.79 -16.86 -2.15
C TYR B 381 10.23 -16.91 -0.71
N TRP B 382 10.77 -16.05 0.15
CA TRP B 382 10.42 -16.06 1.55
C TRP B 382 8.95 -15.99 1.75
N GLY B 383 8.45 -16.99 2.47
CA GLY B 383 7.06 -17.09 2.88
C GLY B 383 6.05 -17.26 1.72
N ASN B 384 6.50 -17.65 0.52
CA ASN B 384 5.58 -17.90 -0.60
C ASN B 384 5.87 -19.29 -1.13
N ARG B 385 5.28 -20.27 -0.45
CA ARG B 385 5.58 -21.67 -0.81
C ARG B 385 5.12 -22.05 -2.24
N ALA B 386 3.94 -21.59 -2.65
CA ALA B 386 3.40 -21.95 -3.95
C ALA B 386 4.28 -21.43 -5.07
N LYS B 387 4.61 -20.14 -5.02
CA LYS B 387 5.47 -19.57 -6.05
C LYS B 387 6.85 -20.12 -5.97
N SER B 388 7.31 -20.49 -4.79
CA SER B 388 8.61 -21.13 -4.66
C SER B 388 8.67 -22.49 -5.35
N ARG B 389 7.63 -23.31 -5.13
CA ARG B 389 7.56 -24.65 -5.71
C ARG B 389 7.42 -24.54 -7.24
N ASP B 390 6.80 -23.51 -7.75
CA ASP B 390 6.63 -23.33 -9.12
C ASP B 390 7.90 -22.86 -9.82
N THR B 391 8.82 -22.27 -9.06
CA THR B 391 9.99 -21.69 -9.67
C THR B 391 11.24 -22.52 -9.47
N PHE B 392 11.46 -23.00 -8.24
CA PHE B 392 12.67 -23.76 -7.89
C PHE B 392 12.28 -25.25 -7.74
N GLN B 393 12.84 -26.11 -8.58
CA GLN B 393 12.37 -27.52 -8.58
C GLN B 393 13.58 -28.35 -8.91
N GLY B 394 14.13 -29.07 -7.92
CA GLY B 394 15.08 -30.16 -8.15
C GLY B 394 16.40 -29.69 -8.74
N GLY B 395 16.89 -28.54 -8.24
CA GLY B 395 18.10 -27.91 -8.77
C GLY B 395 17.91 -27.00 -10.00
N TRP B 396 16.69 -26.95 -10.57
CA TRP B 396 16.35 -26.16 -11.75
C TRP B 396 15.54 -24.94 -11.37
N THR B 397 15.90 -23.81 -11.97
CA THR B 397 15.21 -22.57 -11.71
C THR B 397 14.56 -22.12 -12.98
N LYS B 398 13.26 -21.92 -12.92
CA LYS B 398 12.44 -21.51 -14.05
C LYS B 398 12.47 -20.00 -14.27
N SER B 399 12.95 -19.55 -15.41
CA SER B 399 13.13 -18.12 -15.63
C SER B 399 11.88 -17.37 -15.99
N GLY B 400 10.87 -18.04 -16.56
CA GLY B 400 9.75 -17.27 -17.20
C GLY B 400 10.00 -16.78 -18.63
N ASP B 401 11.26 -16.88 -19.11
CA ASP B 401 11.67 -16.41 -20.43
C ASP B 401 11.58 -17.54 -21.45
N LYS B 402 11.47 -17.22 -22.74
CA LYS B 402 11.62 -18.20 -23.78
C LYS B 402 12.84 -17.81 -24.54
N TYR B 403 13.60 -18.81 -24.99
CA TYR B 403 14.77 -18.62 -25.83
C TYR B 403 14.80 -19.65 -26.95
N VAL B 404 15.59 -19.35 -27.96
CA VAL B 404 15.92 -20.25 -29.07
C VAL B 404 17.38 -20.53 -29.02
N ARG B 405 17.76 -21.80 -29.17
CA ARG B 405 19.16 -22.14 -29.38
C ARG B 405 19.51 -22.25 -30.87
N ASN B 406 20.57 -21.53 -31.26
CA ASN B 406 21.00 -21.46 -32.66
C ASN B 406 22.01 -22.50 -32.96
N ASP B 407 22.40 -22.63 -34.23
CA ASP B 407 23.25 -23.74 -34.65
C ASP B 407 24.63 -23.69 -34.03
N ASP B 408 25.16 -22.48 -33.75
CA ASP B 408 26.46 -22.41 -33.06
C ASP B 408 26.41 -22.56 -31.52
N GLY B 409 25.27 -22.97 -31.00
CA GLY B 409 25.08 -23.10 -29.53
C GLY B 409 24.82 -21.77 -28.78
N SER B 410 24.71 -20.65 -29.50
CA SER B 410 24.26 -19.38 -28.92
C SER B 410 22.74 -19.38 -28.69
N TYR B 411 22.27 -18.46 -27.89
CA TYR B 411 20.84 -18.41 -27.53
C TYR B 411 20.31 -17.03 -27.80
N THR B 412 19.12 -16.98 -28.39
CA THR B 412 18.42 -15.72 -28.75
C THR B 412 17.07 -15.64 -28.04
N TYR B 413 16.82 -14.49 -27.41
CA TYR B 413 15.64 -14.26 -26.65
C TYR B 413 14.41 -14.36 -27.54
N ALA B 414 13.40 -15.03 -27.00
CA ALA B 414 12.12 -15.27 -27.72
C ALA B 414 10.88 -14.81 -26.99
N GLY B 415 11.02 -14.00 -25.96
CA GLY B 415 9.84 -13.46 -25.22
C GLY B 415 9.54 -14.07 -23.85
N ARG B 416 8.42 -13.67 -23.27
CA ARG B 416 8.05 -14.16 -22.00
C ARG B 416 6.82 -15.01 -22.10
N THR B 417 6.58 -15.72 -21.01
CA THR B 417 5.38 -16.51 -20.84
C THR B 417 4.25 -15.52 -20.43
N ASP B 418 4.57 -14.58 -19.55
CA ASP B 418 3.59 -13.91 -18.66
C ASP B 418 3.28 -12.41 -18.86
N ASP B 419 3.69 -11.85 -19.97
CA ASP B 419 3.36 -10.43 -20.21
C ASP B 419 4.14 -9.38 -19.41
N MET B 420 5.01 -9.79 -18.49
CA MET B 420 5.96 -8.86 -17.89
C MET B 420 6.72 -8.17 -18.95
N LEU B 421 6.96 -6.89 -18.72
CA LEU B 421 7.81 -6.08 -19.60
C LEU B 421 9.10 -5.86 -18.89
N LYS B 422 10.20 -5.84 -19.63
CA LYS B 422 11.46 -5.55 -18.98
C LYS B 422 12.03 -4.25 -19.56
N VAL B 423 11.90 -3.18 -18.77
CA VAL B 423 12.15 -1.83 -19.25
C VAL B 423 13.48 -1.34 -18.67
N SER B 424 14.56 -1.40 -19.48
CA SER B 424 15.88 -0.91 -19.09
C SER B 424 16.38 -1.54 -17.81
N GLY B 425 16.22 -2.87 -17.67
CA GLY B 425 16.76 -3.59 -16.56
C GLY B 425 15.76 -3.87 -15.48
N ILE B 426 14.61 -3.20 -15.55
CA ILE B 426 13.56 -3.37 -14.56
C ILE B 426 12.35 -4.08 -15.14
N TYR B 427 12.00 -5.17 -14.49
CA TYR B 427 10.74 -5.87 -14.71
C TYR B 427 9.60 -5.02 -14.20
N VAL B 428 8.63 -4.80 -15.11
CA VAL B 428 7.45 -3.98 -14.87
C VAL B 428 6.23 -4.74 -15.37
N SER B 429 5.20 -4.69 -14.55
CA SER B 429 3.98 -5.35 -14.87
C SER B 429 3.06 -4.41 -15.62
N PRO B 430 2.62 -4.78 -16.86
CA PRO B 430 1.61 -3.94 -17.54
C PRO B 430 0.30 -3.85 -16.77
N PHE B 431 -0.02 -4.86 -15.99
CA PHE B 431 -1.25 -4.86 -15.21
C PHE B 431 -1.15 -3.85 -14.04
N GLU B 432 0.05 -3.63 -13.48
CA GLU B 432 0.22 -2.56 -12.49
C GLU B 432 -0.01 -1.18 -13.16
N ILE B 433 0.50 -0.99 -14.37
CA ILE B 433 0.23 0.31 -15.05
C ILE B 433 -1.25 0.48 -15.34
N GLU B 434 -1.89 -0.55 -15.88
CA GLU B 434 -3.30 -0.45 -16.28
C GLU B 434 -4.21 -0.04 -15.14
N ALA B 435 -3.83 -0.60 -13.98
CA ALA B 435 -4.47 -0.38 -12.68
C ALA B 435 -4.49 1.09 -12.22
N THR B 436 -3.33 1.76 -12.32
CA THR B 436 -3.21 3.17 -12.04
C THR B 436 -4.10 3.88 -13.05
N LEU B 437 -3.91 3.61 -14.33
CA LEU B 437 -4.68 4.40 -15.33
C LEU B 437 -6.16 4.37 -15.19
N VAL B 438 -6.73 3.18 -14.96
CA VAL B 438 -8.21 3.11 -14.86
C VAL B 438 -8.75 3.87 -13.59
N GLN B 439 -7.91 4.27 -12.68
CA GLN B 439 -8.37 5.11 -11.57
C GLN B 439 -8.46 6.59 -11.97
N HIS B 440 -8.03 6.95 -13.16
CA HIS B 440 -8.17 8.32 -13.60
C HIS B 440 -9.63 8.48 -13.99
N PRO B 441 -10.30 9.55 -13.50
CA PRO B 441 -11.77 9.60 -13.71
C PRO B 441 -12.22 9.58 -15.16
N GLY B 442 -11.35 10.05 -16.06
CA GLY B 442 -11.67 10.08 -17.50
C GLY B 442 -11.48 8.78 -18.28
N VAL B 443 -10.91 7.77 -17.63
CA VAL B 443 -10.56 6.55 -18.31
C VAL B 443 -11.72 5.55 -18.13
N LEU B 444 -12.24 4.97 -19.20
CA LEU B 444 -13.15 3.83 -19.06
C LEU B 444 -12.49 2.44 -18.96
N GLU B 445 -11.47 2.25 -19.78
CA GLU B 445 -10.76 0.99 -19.93
C GLU B 445 -9.34 1.31 -20.40
N ALA B 446 -8.39 0.44 -20.05
CA ALA B 446 -6.99 0.64 -20.48
C ALA B 446 -6.30 -0.69 -20.59
N ALA B 447 -5.42 -0.81 -21.59
CA ALA B 447 -4.59 -1.99 -21.73
C ALA B 447 -3.21 -1.50 -22.05
N VAL B 448 -2.21 -2.06 -21.40
CA VAL B 448 -0.82 -1.61 -21.57
C VAL B 448 -0.09 -2.81 -22.07
N VAL B 449 0.66 -2.64 -23.17
CA VAL B 449 1.49 -3.68 -23.80
C VAL B 449 2.89 -3.12 -24.05
N GLY B 450 3.81 -3.99 -24.45
CA GLY B 450 5.21 -3.61 -24.67
C GLY B 450 5.39 -3.33 -26.16
N VAL B 451 5.87 -2.13 -26.51
CA VAL B 451 6.12 -1.77 -27.91
C VAL B 451 7.56 -1.27 -28.09
N ALA B 452 8.14 -1.72 -29.18
CA ALA B 452 9.51 -1.34 -29.55
C ALA B 452 9.62 0.14 -29.92
N ASP B 453 10.54 0.86 -29.28
CA ASP B 453 10.79 2.27 -29.58
C ASP B 453 11.69 2.41 -30.81
N GLU B 454 12.21 3.61 -31.04
CA GLU B 454 13.02 3.90 -32.27
C GLU B 454 14.39 3.24 -32.23
N HIS B 455 14.80 2.65 -31.09
CA HIS B 455 15.98 1.87 -31.00
C HIS B 455 15.73 0.39 -30.93
N GLY B 456 14.48 -0.07 -31.07
CA GLY B 456 14.20 -1.52 -30.95
C GLY B 456 13.99 -2.01 -29.52
N LEU B 457 13.87 -1.09 -28.56
CA LEU B 457 13.82 -1.39 -27.15
C LEU B 457 12.39 -1.31 -26.69
N THR B 458 11.98 -2.24 -25.83
CA THR B 458 10.57 -2.32 -25.38
C THR B 458 10.26 -1.29 -24.31
N LYS B 459 9.22 -0.48 -24.58
CA LYS B 459 8.63 0.45 -23.61
C LYS B 459 7.14 0.16 -23.42
N PRO B 460 6.59 0.51 -22.24
CA PRO B 460 5.14 0.35 -22.14
C PRO B 460 4.41 1.32 -23.07
N LYS B 461 3.32 0.83 -23.63
CA LYS B 461 2.45 1.66 -24.48
C LYS B 461 0.99 1.40 -24.04
N ALA B 462 0.25 2.48 -23.81
CA ALA B 462 -1.10 2.41 -23.28
C ALA B 462 -2.09 2.68 -24.35
N TYR B 463 -3.08 1.83 -24.39
CA TYR B 463 -4.30 1.99 -25.21
C TYR B 463 -5.49 2.23 -24.31
N VAL B 464 -6.15 3.38 -24.48
CA VAL B 464 -7.11 3.88 -23.48
C VAL B 464 -8.43 4.19 -24.20
N VAL B 465 -9.55 3.68 -23.67
CA VAL B 465 -10.91 4.03 -24.09
C VAL B 465 -11.34 5.13 -23.14
N PRO B 466 -11.60 6.34 -23.67
CA PRO B 466 -12.08 7.35 -22.78
C PRO B 466 -13.56 7.09 -22.33
N ARG B 467 -13.88 7.71 -21.21
CA ARG B 467 -15.23 7.75 -20.63
C ARG B 467 -16.04 8.78 -21.46
N PRO B 468 -17.13 8.35 -22.14
CA PRO B 468 -17.95 9.32 -22.90
C PRO B 468 -18.28 10.60 -22.13
N GLY B 469 -18.57 10.46 -20.83
CA GLY B 469 -18.57 11.58 -19.87
C GLY B 469 -17.51 12.67 -20.05
N GLN B 470 -16.23 12.32 -19.90
CA GLN B 470 -15.12 13.30 -19.86
C GLN B 470 -14.40 13.55 -21.21
N THR B 471 -13.64 12.58 -21.73
CA THR B 471 -12.75 12.78 -22.94
C THR B 471 -11.58 13.77 -22.62
N LEU B 472 -10.32 13.33 -22.82
CA LEU B 472 -9.16 13.79 -21.99
C LEU B 472 -7.77 13.81 -22.68
N SER B 473 -6.74 14.40 -22.02
CA SER B 473 -5.40 14.63 -22.66
C SER B 473 -4.42 13.58 -22.18
N GLU B 474 -3.37 13.33 -22.97
CA GLU B 474 -2.18 12.61 -22.47
C GLU B 474 -1.39 13.53 -21.48
N THR B 475 -1.55 14.85 -21.67
CA THR B 475 -1.09 15.86 -20.71
C THR B 475 -1.60 15.46 -19.30
N GLU B 476 -2.92 15.49 -19.14
CA GLU B 476 -3.63 15.00 -17.93
C GLU B 476 -3.14 13.68 -17.33
N LEU B 477 -2.91 12.66 -18.18
CA LEU B 477 -2.46 11.36 -17.67
C LEU B 477 -1.05 11.48 -17.14
N LYS B 478 -0.20 12.21 -17.86
CA LYS B 478 1.22 12.36 -17.47
C LYS B 478 1.31 12.88 -16.04
N THR B 479 0.61 14.01 -15.88
CA THR B 479 0.46 14.73 -14.60
C THR B 479 -0.05 13.79 -13.57
N PHE B 480 -1.18 13.16 -13.86
CA PHE B 480 -1.77 12.12 -13.00
C PHE B 480 -0.75 10.99 -12.61
N ILE B 481 -0.10 10.38 -13.59
CA ILE B 481 0.76 9.18 -13.28
C ILE B 481 2.10 9.64 -12.66
N LYS B 482 2.42 10.94 -12.80
CA LYS B 482 3.74 11.49 -12.42
C LYS B 482 4.34 10.76 -11.22
N ASP B 483 3.64 10.82 -10.07
CA ASP B 483 4.15 10.28 -8.79
C ASP B 483 3.38 9.02 -8.39
N ARG B 484 2.56 8.50 -9.30
CA ARG B 484 1.84 7.25 -9.05
C ARG B 484 2.77 6.07 -9.22
N LEU B 485 3.74 6.17 -10.13
CA LEU B 485 5.10 5.68 -9.74
C LEU B 485 6.21 5.88 -10.75
N ALA B 486 7.12 4.93 -10.85
CA ALA B 486 8.48 5.37 -11.15
C ALA B 486 8.53 5.73 -12.62
N PRO B 487 9.39 6.70 -13.01
CA PRO B 487 9.45 7.12 -14.41
C PRO B 487 9.58 5.97 -15.39
N TYR B 488 10.26 4.86 -14.99
CA TYR B 488 10.41 3.72 -15.88
C TYR B 488 9.11 2.92 -16.04
N LYS B 489 8.10 3.21 -15.22
CA LYS B 489 6.76 2.59 -15.45
C LYS B 489 5.86 3.44 -16.39
N TYR B 490 6.30 4.64 -16.77
CA TYR B 490 5.44 5.57 -17.56
C TYR B 490 5.21 4.91 -18.89
N PRO B 491 3.96 4.90 -19.41
CA PRO B 491 3.83 4.63 -20.83
C PRO B 491 4.66 5.58 -21.69
N ARG B 492 5.31 5.12 -22.74
CA ARG B 492 6.03 6.03 -23.64
C ARG B 492 5.06 6.83 -24.50
N SER B 493 3.90 6.28 -24.80
CA SER B 493 2.82 6.99 -25.50
C SER B 493 1.53 6.35 -25.05
N THR B 494 0.42 7.04 -25.31
CA THR B 494 -0.94 6.52 -25.09
C THR B 494 -1.69 6.70 -26.40
N VAL B 495 -2.43 5.68 -26.82
CA VAL B 495 -3.35 5.79 -27.98
C VAL B 495 -4.78 5.75 -27.44
N PHE B 496 -5.58 6.78 -27.74
CA PHE B 496 -7.01 6.78 -27.38
C PHE B 496 -7.81 6.05 -28.47
N VAL B 497 -8.48 4.95 -28.11
CA VAL B 497 -9.29 4.14 -29.02
C VAL B 497 -10.76 4.08 -28.55
N ALA B 498 -11.65 3.78 -29.49
CA ALA B 498 -13.08 3.70 -29.18
C ALA B 498 -13.40 2.40 -28.44
N GLU B 499 -12.79 1.27 -28.82
CA GLU B 499 -12.92 0.01 -28.09
C GLU B 499 -11.65 -0.83 -28.21
N LEU B 500 -11.40 -1.66 -27.21
CA LEU B 500 -10.27 -2.57 -27.24
C LEU B 500 -10.76 -3.82 -27.90
N PRO B 501 -9.89 -4.46 -28.65
CA PRO B 501 -10.20 -5.79 -29.21
C PRO B 501 -10.31 -6.83 -28.12
N LYS B 502 -11.35 -7.68 -28.15
CA LYS B 502 -11.63 -8.65 -27.09
C LYS B 502 -12.11 -9.93 -27.71
N THR B 503 -11.82 -11.05 -27.05
CA THR B 503 -12.38 -12.37 -27.38
C THR B 503 -13.84 -12.41 -26.95
N ALA B 504 -14.48 -13.56 -27.13
CA ALA B 504 -15.88 -13.75 -26.66
C ALA B 504 -16.03 -13.68 -25.15
N THR B 505 -15.03 -14.13 -24.38
CA THR B 505 -15.13 -14.06 -22.92
C THR B 505 -15.03 -12.61 -22.41
N GLY B 506 -14.70 -11.68 -23.31
CA GLY B 506 -14.41 -10.31 -22.95
C GLY B 506 -12.93 -10.04 -22.62
N LYS B 507 -12.05 -10.96 -22.98
CA LYS B 507 -10.62 -10.86 -22.66
C LYS B 507 -9.93 -9.98 -23.69
N ILE B 508 -9.08 -9.09 -23.22
CA ILE B 508 -8.37 -8.16 -24.11
C ILE B 508 -7.39 -8.97 -24.94
N GLN B 509 -7.45 -8.70 -26.24
CA GLN B 509 -6.55 -9.31 -27.23
C GLN B 509 -5.29 -8.47 -27.30
N ARG B 510 -4.45 -8.67 -26.32
CA ARG B 510 -3.26 -7.79 -26.15
C ARG B 510 -2.30 -8.00 -27.36
N PHE B 511 -2.20 -9.23 -27.83
CA PHE B 511 -1.34 -9.51 -28.97
C PHE B 511 -1.70 -8.56 -30.13
N LYS B 512 -2.98 -8.31 -30.37
CA LYS B 512 -3.36 -7.40 -31.40
C LYS B 512 -2.83 -6.01 -31.18
N LEU B 513 -2.87 -5.59 -29.92
CA LEU B 513 -2.42 -4.22 -29.63
C LEU B 513 -0.92 -4.18 -29.89
N ARG B 514 -0.24 -5.17 -29.42
CA ARG B 514 1.18 -5.20 -29.52
C ARG B 514 1.60 -5.27 -31.00
N GLU B 515 0.86 -6.03 -31.82
CA GLU B 515 1.21 -6.14 -33.26
C GLU B 515 0.85 -4.86 -34.04
N GLY B 516 0.21 -3.91 -33.40
CA GLY B 516 0.01 -2.58 -34.01
C GLY B 516 -1.30 -2.39 -34.79
N VAL B 517 -2.26 -3.26 -34.59
CA VAL B 517 -3.54 -3.15 -35.28
C VAL B 517 -4.25 -1.80 -35.11
N LEU B 518 -4.13 -1.14 -33.94
CA LEU B 518 -4.80 0.15 -33.68
C LEU B 518 -3.83 1.30 -33.64
N GLY B 519 -2.68 1.04 -34.24
CA GLY B 519 -1.55 1.90 -34.16
C GLY B 519 -0.91 1.80 -32.79
C1 3U4 C . -19.56 8.27 16.76
C2 3U4 C . -20.12 6.90 16.53
C3 3U4 C . -21.48 6.74 16.71
C4 3U4 C . -21.94 5.45 16.44
C5 3U4 C . -21.08 4.41 16.03
C6 3U4 C . -19.74 4.62 15.81
C7 3U4 C . -19.29 5.91 16.08
O8 3U4 C . -18.82 8.78 15.86
O9 3U4 C . -19.87 8.80 17.89
F10 3U4 C . -17.99 6.13 15.88
C1 3U4 D . -22.62 14.95 6.92
C2 3U4 D . -23.35 15.97 6.10
C3 3U4 D . -22.76 16.60 5.00
C4 3U4 D . -23.53 17.60 4.35
C5 3U4 D . -24.80 17.93 4.78
C6 3U4 D . -25.41 17.27 5.88
C7 3U4 D . -24.66 16.33 6.56
O8 3U4 D . -21.57 14.44 6.53
O9 3U4 D . -23.07 14.62 7.98
F10 3U4 D . -25.13 15.77 7.72
C1 3U4 E . 19.69 -9.17 -16.35
C2 3U4 E . 20.38 -9.52 -15.02
C3 3U4 E . 21.74 -9.66 -14.96
C4 3U4 E . 22.33 -9.97 -13.72
C5 3U4 E . 21.55 -10.14 -12.57
C6 3U4 E . 20.18 -9.98 -12.63
C7 3U4 E . 19.64 -9.67 -13.86
O8 3U4 E . 20.06 -9.79 -17.39
O9 3U4 E . 18.76 -8.31 -16.41
F10 3U4 E . 18.30 -9.45 -13.96
#